data_7P1U
#
_entry.id   7P1U
#
_cell.length_a   62.450
_cell.length_b   74.010
_cell.length_c   160.690
_cell.angle_alpha   90.000
_cell.angle_beta   90.000
_cell.angle_gamma   90.000
#
_symmetry.space_group_name_H-M   'P 21 2 21'
#
loop_
_entity.id
_entity.type
_entity.pdbx_description
1 polymer 'Extracellular sialidase/neuraminidase'
2 non-polymer 'deamino-alpha-neuraminic acid'
3 non-polymer GLYCEROL
4 water water
#
_entity_poly.entity_id   1
_entity_poly.type   'polypeptide(L)'
_entity_poly.pdbx_seq_one_letter_code
;RVDDPAGKAAQYHKEYALFRSANMPSPDKLATGVGFHSFRIPAVVRTNTGRILAFAEGRRHNNRDYGDINLVYKRTKSPT
NNGENPTDWESLREVVGTGPHTWGNPTPVVDGNTIYLFLSMNDGAYSQNGGNTLPDGTKTKKIDSTWVGRRHLYLTTSTD
DGDTWTKPVDMTKTLTPDGQAWDAVGPGNGIKLSTGELVIPAQGRNIIGRGPSGNRTWSMQILKGAGSEGTICQTPDGKL
MRNDRPGPMGHRSVARGTLAGLGPFATDNGLPDPACQGSILSYNSDEPARTIFMNSASTDRRTAMRVRISYDKDAAKFNF
GRELKDAPLGNVGNEGGYSSMTKTSDYKIGALVESDWYEDKGGEKSHRCIIWRRFNLSWIINGPNN
;
_entity_poly.pdbx_strand_id   A,B
#
loop_
_chem_comp.id
_chem_comp.type
_chem_comp.name
_chem_comp.formula
GOL non-polymer GLYCEROL 'C3 H8 O3'
KDM D-saccharide, alpha linking 'deamino-alpha-neuraminic acid' 'C9 H16 O9'
#
# COMPACT_ATOMS: atom_id res chain seq x y z
N ASP A 4 -4.29 -16.30 -1.43
CA ASP A 4 -4.13 -14.87 -1.81
C ASP A 4 -5.48 -14.21 -2.00
N PRO A 5 -5.84 -13.27 -1.11
CA PRO A 5 -7.14 -12.64 -1.21
C PRO A 5 -7.35 -11.90 -2.52
N ALA A 6 -6.28 -11.53 -3.21
CA ALA A 6 -6.44 -10.85 -4.49
C ALA A 6 -7.07 -11.77 -5.52
N GLY A 7 -7.00 -13.14 -5.33
CA GLY A 7 -7.53 -14.02 -6.33
C GLY A 7 -9.09 -13.95 -6.36
N LYS A 8 -9.72 -13.32 -5.32
CA LYS A 8 -11.22 -13.21 -5.25
C LYS A 8 -11.75 -12.10 -6.09
N ALA A 9 -10.83 -11.20 -6.55
CA ALA A 9 -11.29 -10.02 -7.28
C ALA A 9 -11.59 -10.39 -8.75
N ALA A 10 -12.46 -9.59 -9.41
CA ALA A 10 -12.79 -9.85 -10.80
C ALA A 10 -11.49 -9.68 -11.61
N GLN A 11 -11.27 -10.66 -12.45
CA GLN A 11 -10.12 -10.59 -13.30
C GLN A 11 -10.17 -9.40 -14.27
N TYR A 12 -9.05 -8.72 -14.40
CA TYR A 12 -8.91 -7.62 -15.32
C TYR A 12 -7.71 -7.81 -16.19
N HIS A 13 -7.89 -7.59 -17.48
CA HIS A 13 -6.77 -7.47 -18.40
C HIS A 13 -7.20 -6.52 -19.50
N LYS A 14 -6.22 -5.79 -20.03
CA LYS A 14 -6.46 -4.96 -21.20
C LYS A 14 -5.13 -4.87 -21.94
N GLU A 15 -5.17 -4.84 -23.26
CA GLU A 15 -3.96 -4.88 -24.02
C GLU A 15 -4.11 -4.17 -25.36
N TYR A 16 -3.07 -3.41 -25.74
CA TYR A 16 -3.07 -2.77 -27.03
C TYR A 16 -1.63 -2.40 -27.36
N ALA A 17 -1.36 -2.16 -28.64
CA ALA A 17 -0.03 -1.75 -29.02
C ALA A 17 0.27 -0.34 -28.54
N LEU A 18 1.45 -0.14 -27.99
CA LEU A 18 1.88 1.18 -27.55
C LEU A 18 2.98 1.80 -28.42
N PHE A 19 3.89 0.98 -28.91
CA PHE A 19 4.90 1.44 -29.86
C PHE A 19 4.63 0.73 -31.16
N ARG A 20 4.17 1.51 -32.14
CA ARG A 20 3.63 1.00 -33.38
C ARG A 20 4.66 1.18 -34.48
N SER A 21 5.15 0.05 -34.97
CA SER A 21 6.18 0.02 -35.99
C SER A 21 5.70 0.63 -37.30
N ALA A 22 6.64 0.91 -38.19
CA ALA A 22 6.41 1.72 -39.36
C ALA A 22 5.37 1.14 -40.28
N ASN A 23 5.23 -0.17 -40.25
CA ASN A 23 4.25 -0.88 -41.09
C ASN A 23 2.82 -0.84 -40.57
N MET A 24 2.63 -0.39 -39.35
CA MET A 24 1.30 -0.40 -38.79
C MET A 24 0.58 0.88 -39.08
N PRO A 25 -0.76 0.85 -39.04
CA PRO A 25 -1.51 2.10 -39.15
C PRO A 25 -1.10 3.01 -37.98
N SER A 26 -1.11 4.31 -38.23
CA SER A 26 -0.73 5.29 -37.19
C SER A 26 0.59 4.89 -36.55
N PRO A 27 1.64 4.75 -37.37
CA PRO A 27 2.92 4.38 -36.84
C PRO A 27 3.48 5.49 -35.96
N ASP A 28 4.25 5.10 -34.95
CA ASP A 28 4.84 6.08 -34.06
C ASP A 28 6.02 6.77 -34.72
N LYS A 29 5.95 8.10 -34.75
CA LYS A 29 7.00 8.95 -35.29
C LYS A 29 7.23 10.09 -34.33
N LEU A 30 8.45 10.59 -34.33
CA LEU A 30 8.77 11.82 -33.62
C LEU A 30 8.13 13.01 -34.32
N ALA A 31 8.08 14.12 -33.61
CA ALA A 31 7.48 15.33 -34.16
C ALA A 31 8.30 15.85 -35.37
N THR A 32 9.58 15.46 -35.46
CA THR A 32 10.40 15.81 -36.60
C THR A 32 10.08 15.03 -37.85
N GLY A 33 9.22 14.01 -37.73
CA GLY A 33 8.91 13.16 -38.84
C GLY A 33 9.76 11.91 -38.91
N VAL A 34 10.74 11.77 -38.01
CA VAL A 34 11.50 10.55 -37.97
C VAL A 34 10.63 9.41 -37.43
N GLY A 35 10.49 8.37 -38.24
CA GLY A 35 9.86 7.14 -37.84
C GLY A 35 10.84 6.03 -37.67
N PHE A 36 10.28 4.88 -37.34
CA PHE A 36 11.09 3.74 -36.94
C PHE A 36 10.52 2.46 -37.50
N HIS A 37 11.38 1.73 -38.16
CA HIS A 37 11.04 0.39 -38.66
C HIS A 37 10.49 -0.46 -37.54
N SER A 38 11.22 -0.46 -36.43
CA SER A 38 10.93 -1.35 -35.31
C SER A 38 11.11 -0.61 -34.01
N PHE A 39 10.36 -1.08 -33.01
CA PHE A 39 10.59 -0.72 -31.63
C PHE A 39 10.90 -1.99 -30.88
N ARG A 40 11.96 -1.98 -30.09
CA ARG A 40 12.37 -3.10 -29.29
C ARG A 40 12.84 -2.57 -27.94
N ILE A 41 13.06 -3.49 -27.02
CA ILE A 41 13.81 -3.22 -25.80
C ILE A 41 13.06 -2.25 -24.88
N PRO A 42 11.89 -2.71 -24.39
CA PRO A 42 11.06 -1.85 -23.57
C PRO A 42 11.59 -1.65 -22.15
N ALA A 43 11.15 -0.55 -21.56
CA ALA A 43 11.36 -0.29 -20.14
C ALA A 43 10.21 0.56 -19.67
N VAL A 44 9.67 0.27 -18.49
CA VAL A 44 8.56 1.08 -18.00
C VAL A 44 8.69 1.30 -16.50
N VAL A 45 8.38 2.51 -16.07
CA VAL A 45 8.27 2.85 -14.65
C VAL A 45 7.10 3.73 -14.38
N ARG A 46 6.54 3.56 -13.19
CA ARG A 46 5.59 4.51 -12.64
C ARG A 46 6.38 5.50 -11.80
N THR A 47 6.20 6.78 -12.05
CA THR A 47 6.87 7.80 -11.25
C THR A 47 6.08 8.01 -9.96
N ASN A 48 6.66 8.80 -9.06
CA ASN A 48 5.95 9.09 -7.81
C ASN A 48 4.74 9.96 -7.96
N THR A 49 4.49 10.52 -9.14
CA THR A 49 3.23 11.21 -9.35
C THR A 49 2.11 10.26 -9.77
N GLY A 50 2.48 9.06 -10.21
CA GLY A 50 1.53 8.12 -10.82
C GLY A 50 1.68 8.08 -12.32
N ARG A 51 2.37 9.05 -12.91
CA ARG A 51 2.59 9.04 -14.34
C ARG A 51 3.39 7.79 -14.72
N ILE A 52 3.12 7.23 -15.89
N ILE A 52 3.12 7.23 -15.89
CA ILE A 52 3.89 6.10 -16.39
CA ILE A 52 3.90 6.11 -16.39
C ILE A 52 4.77 6.59 -17.52
C ILE A 52 4.78 6.59 -17.52
N LEU A 53 6.04 6.19 -17.46
CA LEU A 53 7.04 6.46 -18.49
C LEU A 53 7.41 5.15 -19.15
N ALA A 54 7.24 5.11 -20.49
CA ALA A 54 7.54 3.92 -21.28
C ALA A 54 8.64 4.30 -22.25
N PHE A 55 9.72 3.50 -22.23
CA PHE A 55 10.86 3.72 -23.07
C PHE A 55 11.04 2.57 -24.02
N ALA A 56 11.73 2.82 -25.13
CA ALA A 56 12.08 1.77 -26.07
C ALA A 56 13.23 2.24 -26.92
N GLU A 57 13.82 1.28 -27.63
CA GLU A 57 14.68 1.58 -28.74
C GLU A 57 13.83 1.75 -29.99
N GLY A 58 14.00 2.89 -30.61
CA GLY A 58 13.45 3.16 -31.93
C GLY A 58 14.54 2.80 -32.92
N ARG A 59 14.35 1.68 -33.59
CA ARG A 59 15.34 1.13 -34.50
C ARG A 59 14.94 1.59 -35.88
N ARG A 60 15.66 2.61 -36.34
CA ARG A 60 15.40 3.37 -37.56
C ARG A 60 15.24 2.75 -38.97
N HIS A 61 15.94 1.66 -39.25
CA HIS A 61 15.88 1.12 -40.61
C HIS A 61 15.54 -0.35 -40.72
N ASN A 62 15.75 -1.08 -39.64
CA ASN A 62 15.53 -2.51 -39.61
C ASN A 62 15.53 -2.90 -38.16
N ASN A 63 15.38 -4.18 -37.87
CA ASN A 63 15.20 -4.60 -36.50
C ASN A 63 16.48 -4.92 -35.77
N ARG A 64 17.63 -4.66 -36.40
CA ARG A 64 18.89 -5.08 -35.82
C ARG A 64 19.30 -4.22 -34.62
N ASP A 65 20.22 -4.78 -33.83
CA ASP A 65 20.63 -4.19 -32.56
C ASP A 65 21.60 -3.06 -32.71
N TYR A 66 22.16 -2.92 -33.92
CA TYR A 66 23.18 -1.94 -34.24
C TYR A 66 22.63 -0.99 -35.28
N GLY A 67 23.42 0.02 -35.60
CA GLY A 67 23.00 1.06 -36.52
C GLY A 67 22.33 2.20 -35.79
N ASP A 68 21.58 2.97 -36.58
CA ASP A 68 21.00 4.21 -36.10
C ASP A 68 19.73 3.86 -35.29
N ILE A 69 19.88 3.96 -34.00
CA ILE A 69 18.85 3.58 -33.04
C ILE A 69 18.76 4.69 -32.04
N ASN A 70 17.55 5.14 -31.77
CA ASN A 70 17.35 6.25 -30.87
C ASN A 70 16.57 5.72 -29.64
N LEU A 71 16.81 6.30 -28.47
CA LEU A 71 16.09 5.92 -27.26
C LEU A 71 14.90 6.84 -27.16
N VAL A 72 13.72 6.27 -27.32
CA VAL A 72 12.48 7.02 -27.42
C VAL A 72 11.59 6.70 -26.21
N TYR A 73 10.52 7.47 -26.05
CA TYR A 73 9.66 7.29 -24.92
C TYR A 73 8.32 7.89 -25.17
N LYS A 74 7.39 7.47 -24.32
CA LYS A 74 6.05 8.07 -24.19
C LYS A 74 5.77 8.17 -22.73
N ARG A 75 4.94 9.14 -22.37
CA ARG A 75 4.39 9.22 -21.02
C ARG A 75 2.91 9.16 -21.06
N THR A 76 2.29 8.75 -19.96
CA THR A 76 0.90 9.03 -19.84
C THR A 76 0.66 10.53 -19.77
N LYS A 77 -0.45 10.96 -20.36
CA LYS A 77 -0.73 12.41 -20.50
C LYS A 77 -0.92 13.05 -19.15
N SER A 78 -1.49 12.30 -18.18
CA SER A 78 -1.64 12.81 -16.84
C SER A 78 -1.00 11.83 -15.87
N PRO A 79 -0.84 12.27 -14.62
CA PRO A 79 -0.32 11.34 -13.62
C PRO A 79 -1.36 10.35 -13.15
N THR A 80 -2.63 10.53 -13.47
CA THR A 80 -3.67 9.75 -12.86
C THR A 80 -4.40 8.81 -13.81
N ASN A 81 -4.08 8.80 -15.11
CA ASN A 81 -4.86 8.00 -16.03
C ASN A 81 -4.43 6.53 -16.11
N ASN A 82 -3.27 6.22 -15.56
CA ASN A 82 -2.80 4.84 -15.40
C ASN A 82 -2.61 4.10 -16.71
N GLY A 83 -2.50 4.85 -17.80
CA GLY A 83 -2.29 4.20 -19.11
C GLY A 83 -3.45 3.32 -19.53
N GLU A 84 -4.66 3.64 -19.12
CA GLU A 84 -5.80 2.76 -19.32
C GLU A 84 -6.12 2.59 -20.81
N ASN A 85 -6.18 3.70 -21.54
CA ASN A 85 -6.61 3.69 -22.92
C ASN A 85 -5.49 4.21 -23.83
N PRO A 86 -5.52 3.85 -25.12
CA PRO A 86 -4.50 4.40 -26.01
C PRO A 86 -4.40 5.92 -25.99
N THR A 87 -5.54 6.60 -25.93
CA THR A 87 -5.52 8.06 -25.90
C THR A 87 -5.06 8.66 -24.59
N ASP A 88 -4.73 7.83 -23.61
CA ASP A 88 -4.13 8.28 -22.38
C ASP A 88 -2.64 8.52 -22.50
N TRP A 89 -2.03 8.17 -23.62
CA TRP A 89 -0.59 8.31 -23.81
C TRP A 89 -0.27 9.45 -24.76
N GLU A 90 0.78 10.17 -24.39
CA GLU A 90 1.34 11.19 -25.25
C GLU A 90 1.94 10.58 -26.49
N SER A 91 2.17 11.41 -27.50
N SER A 91 2.19 11.44 -27.47
N SER A 91 2.17 11.45 -27.47
CA SER A 91 2.86 10.95 -28.67
CA SER A 91 2.89 11.03 -28.66
CA SER A 91 2.89 11.06 -28.66
C SER A 91 4.35 10.76 -28.38
C SER A 91 4.36 10.77 -28.36
C SER A 91 4.35 10.77 -28.36
N LEU A 92 5.00 10.05 -29.28
CA LEU A 92 6.39 9.62 -29.11
C LEU A 92 7.33 10.81 -29.00
N ARG A 93 8.26 10.69 -28.07
N ARG A 93 8.26 10.70 -28.08
CA ARG A 93 9.32 11.66 -27.84
CA ARG A 93 9.33 11.69 -27.93
C ARG A 93 10.64 10.93 -27.85
C ARG A 93 10.64 10.94 -27.84
N GLU A 94 11.73 11.70 -27.84
CA GLU A 94 13.07 11.13 -27.92
C GLU A 94 13.86 11.54 -26.68
N VAL A 95 14.47 10.58 -26.03
CA VAL A 95 15.43 10.88 -24.98
C VAL A 95 16.76 11.30 -25.63
N VAL A 96 17.30 10.43 -26.48
CA VAL A 96 18.54 10.71 -27.16
C VAL A 96 18.57 9.99 -28.49
N GLY A 97 18.99 10.71 -29.53
CA GLY A 97 19.09 10.12 -30.85
C GLY A 97 20.30 10.60 -31.64
N THR A 98 21.21 11.30 -31.01
N THR A 98 21.23 11.29 -31.00
CA THR A 98 22.31 11.94 -31.69
CA THR A 98 22.22 12.01 -31.76
C THR A 98 23.10 11.02 -32.59
C THR A 98 23.10 11.06 -32.58
N GLY A 99 23.41 11.51 -33.78
CA GLY A 99 24.32 10.79 -34.64
C GLY A 99 23.71 9.54 -35.24
N PRO A 100 24.54 8.81 -35.97
CA PRO A 100 24.15 7.56 -36.56
C PRO A 100 24.30 6.41 -35.56
N HIS A 101 24.52 6.73 -34.29
CA HIS A 101 24.89 5.79 -33.27
C HIS A 101 23.74 4.98 -32.75
N THR A 102 24.07 3.92 -32.03
CA THR A 102 23.07 3.15 -31.28
C THR A 102 22.95 3.72 -29.88
N TRP A 103 21.74 4.10 -29.48
CA TRP A 103 21.41 4.48 -28.12
C TRP A 103 20.29 3.56 -27.68
N GLY A 104 20.48 2.86 -26.56
CA GLY A 104 19.49 1.85 -26.21
C GLY A 104 19.64 1.31 -24.84
N ASN A 105 19.13 0.10 -24.67
CA ASN A 105 19.14 -0.55 -23.37
C ASN A 105 18.56 0.30 -22.25
N PRO A 106 17.37 0.88 -22.44
CA PRO A 106 16.82 1.72 -21.40
C PRO A 106 16.68 0.97 -20.09
N THR A 107 17.20 1.57 -19.03
CA THR A 107 17.18 0.96 -17.70
C THR A 107 16.88 2.08 -16.68
N PRO A 108 15.61 2.43 -16.49
CA PRO A 108 15.23 3.49 -15.58
C PRO A 108 15.09 3.05 -14.16
N VAL A 109 15.23 4.02 -13.25
CA VAL A 109 14.86 3.81 -11.86
C VAL A 109 14.34 5.14 -11.31
N VAL A 110 13.23 5.07 -10.60
CA VAL A 110 12.62 6.22 -9.98
C VAL A 110 13.24 6.44 -8.61
N ASP A 111 13.62 7.68 -8.35
CA ASP A 111 14.23 8.08 -7.08
C ASP A 111 13.58 9.38 -6.57
N GLY A 112 12.48 9.27 -5.84
CA GLY A 112 11.79 10.44 -5.36
C GLY A 112 11.29 11.25 -6.52
N ASN A 113 11.76 12.48 -6.65
CA ASN A 113 11.34 13.33 -7.74
C ASN A 113 12.29 13.33 -8.93
N THR A 114 13.27 12.43 -8.93
CA THR A 114 14.16 12.28 -10.07
C THR A 114 13.96 10.91 -10.67
N ILE A 115 13.90 10.84 -11.99
CA ILE A 115 13.96 9.57 -12.69
C ILE A 115 15.35 9.50 -13.31
N TYR A 116 16.09 8.45 -12.95
CA TYR A 116 17.36 8.14 -13.57
C TYR A 116 17.15 7.17 -14.71
N LEU A 117 17.83 7.38 -15.83
CA LEU A 117 17.75 6.45 -16.96
C LEU A 117 19.16 6.13 -17.36
N PHE A 118 19.59 4.90 -17.10
CA PHE A 118 20.81 4.37 -17.66
C PHE A 118 20.51 3.84 -19.05
N LEU A 119 21.54 3.86 -19.89
CA LEU A 119 21.39 3.39 -21.26
C LEU A 119 22.76 2.98 -21.78
N SER A 120 22.74 2.13 -22.79
CA SER A 120 23.95 1.73 -23.47
C SER A 120 24.07 2.50 -24.79
N MET A 121 25.30 2.55 -25.30
N MET A 121 25.30 2.55 -25.30
CA MET A 121 25.56 3.24 -26.55
CA MET A 121 25.56 3.24 -26.55
C MET A 121 26.69 2.56 -27.26
C MET A 121 26.69 2.55 -27.27
N ASN A 122 26.63 2.52 -28.58
CA ASN A 122 27.82 2.23 -29.34
C ASN A 122 27.89 3.16 -30.53
N ASP A 123 29.11 3.38 -30.99
CA ASP A 123 29.35 4.11 -32.21
C ASP A 123 28.60 3.43 -33.35
N GLY A 124 28.07 4.23 -34.26
CA GLY A 124 27.32 3.74 -35.38
C GLY A 124 28.05 2.86 -36.34
N ALA A 125 29.37 2.88 -36.30
CA ALA A 125 30.15 2.03 -37.21
C ALA A 125 30.45 0.65 -36.64
N TYR A 126 29.95 0.32 -35.45
CA TYR A 126 30.33 -0.91 -34.77
C TYR A 126 29.10 -1.75 -34.43
N SER A 127 29.25 -3.07 -34.42
CA SER A 127 28.21 -3.94 -33.95
C SER A 127 28.83 -5.05 -33.10
N GLN A 128 27.98 -5.77 -32.37
CA GLN A 128 28.46 -6.81 -31.49
C GLN A 128 29.33 -7.80 -32.21
N ASN A 129 28.90 -8.24 -33.38
CA ASN A 129 29.63 -9.29 -34.08
C ASN A 129 30.59 -8.73 -35.13
N GLY A 130 30.34 -7.52 -35.59
CA GLY A 130 31.08 -6.97 -36.72
C GLY A 130 30.61 -7.57 -38.03
N GLY A 131 30.98 -6.90 -39.12
CA GLY A 131 30.69 -7.41 -40.46
C GLY A 131 29.25 -7.27 -40.90
N ASN A 132 28.48 -6.48 -40.18
CA ASN A 132 27.07 -6.32 -40.48
C ASN A 132 26.86 -5.18 -41.45
N THR A 133 25.91 -5.33 -42.34
CA THR A 133 25.60 -4.30 -43.33
C THR A 133 24.80 -3.13 -42.73
N LEU A 134 25.24 -1.96 -43.10
CA LEU A 134 24.61 -0.70 -42.73
C LEU A 134 23.95 -0.09 -43.96
N PRO A 135 23.10 0.92 -43.76
CA PRO A 135 22.31 1.45 -44.85
C PRO A 135 23.10 2.11 -45.94
N ASP A 136 24.34 2.55 -45.67
CA ASP A 136 25.16 3.20 -46.69
C ASP A 136 26.03 2.22 -47.42
N GLY A 137 25.81 0.93 -47.18
CA GLY A 137 26.54 -0.09 -47.91
C GLY A 137 27.83 -0.54 -47.26
N THR A 138 28.19 0.07 -46.17
CA THR A 138 29.37 -0.36 -45.45
C THR A 138 29.02 -1.46 -44.48
N LYS A 139 30.07 -2.04 -43.93
CA LYS A 139 29.94 -3.06 -42.92
C LYS A 139 30.52 -2.59 -41.60
N THR A 140 29.86 -2.99 -40.52
CA THR A 140 30.35 -2.58 -39.23
C THR A 140 31.69 -3.23 -38.88
N LYS A 141 32.39 -2.58 -37.97
CA LYS A 141 33.51 -3.18 -37.26
C LYS A 141 32.96 -3.87 -36.01
N LYS A 142 33.70 -4.83 -35.49
CA LYS A 142 33.31 -5.51 -34.30
C LYS A 142 33.59 -4.66 -33.06
N ILE A 143 32.61 -4.58 -32.16
N ILE A 143 32.62 -4.59 -32.16
CA ILE A 143 32.81 -3.89 -30.91
CA ILE A 143 32.82 -3.89 -30.91
C ILE A 143 34.05 -4.46 -30.25
C ILE A 143 34.06 -4.47 -30.24
N ASP A 144 34.89 -3.56 -29.76
CA ASP A 144 36.18 -3.94 -29.19
C ASP A 144 36.42 -3.13 -27.91
N SER A 145 37.62 -3.30 -27.35
N SER A 145 37.65 -3.16 -27.37
CA SER A 145 37.92 -2.61 -26.11
CA SER A 145 37.90 -2.58 -26.07
C SER A 145 38.42 -1.15 -26.23
C SER A 145 38.41 -1.15 -26.22
N THR A 146 38.52 -0.63 -27.45
CA THR A 146 38.95 0.78 -27.63
C THR A 146 37.86 1.73 -27.17
N TRP A 147 38.24 2.99 -26.95
CA TRP A 147 37.26 3.94 -26.51
C TRP A 147 36.20 4.12 -27.57
N VAL A 148 36.63 4.29 -28.82
CA VAL A 148 35.62 4.48 -29.88
C VAL A 148 34.78 3.23 -30.16
N GLY A 149 35.39 2.06 -30.01
CA GLY A 149 34.77 0.82 -30.42
C GLY A 149 34.05 0.02 -29.35
N ARG A 150 34.14 0.40 -28.09
CA ARG A 150 33.51 -0.37 -27.02
C ARG A 150 32.17 0.20 -26.58
N ARG A 151 31.30 -0.66 -26.06
CA ARG A 151 30.00 -0.21 -25.61
C ARG A 151 30.14 0.72 -24.44
N HIS A 152 29.47 1.86 -24.52
CA HIS A 152 29.45 2.87 -23.49
C HIS A 152 28.22 2.77 -22.59
N LEU A 153 28.28 3.41 -21.44
CA LEU A 153 27.21 3.49 -20.53
C LEU A 153 27.00 4.96 -20.23
N TYR A 154 25.73 5.34 -20.51
CA TYR A 154 25.32 6.71 -20.29
C TYR A 154 24.24 6.83 -19.23
N LEU A 155 24.12 8.02 -18.64
CA LEU A 155 23.09 8.33 -17.65
C LEU A 155 22.43 9.64 -18.01
N THR A 156 21.11 9.65 -18.03
CA THR A 156 20.35 10.87 -18.14
C THR A 156 19.34 10.88 -17.01
N THR A 157 18.81 12.07 -16.72
CA THR A 157 17.89 12.25 -15.63
C THR A 157 16.76 13.16 -16.02
N SER A 158 15.64 13.01 -15.34
CA SER A 158 14.55 13.92 -15.43
C SER A 158 14.09 14.29 -14.05
N THR A 159 13.89 15.59 -13.87
CA THR A 159 13.32 16.10 -12.64
C THR A 159 11.97 16.74 -12.85
N ASP A 160 11.38 16.52 -14.03
CA ASP A 160 10.07 17.06 -14.34
C ASP A 160 9.15 15.96 -14.82
N ASP A 161 9.20 14.84 -14.11
CA ASP A 161 8.25 13.77 -14.33
C ASP A 161 8.38 13.21 -15.74
N GLY A 162 9.62 13.16 -16.24
CA GLY A 162 9.85 12.60 -17.54
C GLY A 162 9.63 13.55 -18.72
N ASP A 163 9.22 14.77 -18.46
CA ASP A 163 8.92 15.67 -19.57
C ASP A 163 10.16 15.96 -20.40
N THR A 164 11.28 16.24 -19.71
CA THR A 164 12.53 16.48 -20.36
C THR A 164 13.64 15.74 -19.66
N TRP A 165 14.73 15.56 -20.40
CA TRP A 165 15.85 14.74 -19.99
C TRP A 165 17.13 15.53 -20.14
N THR A 166 18.03 15.40 -19.18
CA THR A 166 19.33 16.02 -19.31
C THR A 166 20.16 15.39 -20.40
N LYS A 167 21.08 16.16 -20.98
CA LYS A 167 21.96 15.60 -21.96
C LYS A 167 22.66 14.38 -21.32
N PRO A 168 22.66 13.22 -21.99
CA PRO A 168 23.25 12.06 -21.38
C PRO A 168 24.71 12.25 -21.08
N VAL A 169 25.14 11.76 -19.93
CA VAL A 169 26.53 11.83 -19.50
C VAL A 169 27.16 10.46 -19.62
N ASP A 170 28.36 10.39 -20.24
CA ASP A 170 29.03 9.11 -20.44
C ASP A 170 29.69 8.74 -19.12
N MET A 171 29.26 7.64 -18.57
N MET A 171 29.26 7.67 -18.55
CA MET A 171 29.74 7.15 -17.31
CA MET A 171 29.74 7.16 -17.31
C MET A 171 30.68 5.96 -17.47
C MET A 171 30.68 5.96 -17.47
N THR A 172 31.03 5.61 -18.69
CA THR A 172 31.76 4.39 -18.95
C THR A 172 33.04 4.27 -18.15
N LYS A 173 33.77 5.37 -18.03
CA LYS A 173 35.06 5.28 -17.39
C LYS A 173 34.97 4.90 -15.91
N THR A 174 33.84 5.19 -15.25
CA THR A 174 33.72 4.86 -13.83
C THR A 174 32.74 3.74 -13.56
N LEU A 175 31.82 3.46 -14.46
CA LEU A 175 30.77 2.51 -14.20
C LEU A 175 30.78 1.31 -15.14
N THR A 176 31.81 1.19 -15.98
CA THR A 176 32.06 -0.03 -16.73
C THR A 176 33.47 -0.44 -16.48
N PRO A 177 33.73 -1.74 -16.25
CA PRO A 177 35.10 -2.18 -16.05
C PRO A 177 36.03 -1.80 -17.19
N ASP A 178 37.24 -1.41 -16.82
CA ASP A 178 38.27 -1.20 -17.81
C ASP A 178 38.50 -2.47 -18.59
N GLY A 179 38.81 -2.25 -19.87
CA GLY A 179 39.11 -3.32 -20.79
C GLY A 179 37.93 -4.01 -21.42
N GLN A 180 36.74 -3.69 -20.98
CA GLN A 180 35.56 -4.39 -21.49
C GLN A 180 35.22 -3.87 -22.88
N ALA A 181 34.68 -4.77 -23.70
CA ALA A 181 34.27 -4.42 -25.07
C ALA A 181 32.76 -4.35 -25.12
N TRP A 182 32.07 -5.47 -25.32
CA TRP A 182 30.62 -5.45 -25.24
C TRP A 182 30.17 -5.10 -23.85
N ASP A 183 28.99 -4.52 -23.74
CA ASP A 183 28.39 -4.22 -22.47
C ASP A 183 26.91 -4.09 -22.67
N ALA A 184 26.18 -4.16 -21.56
CA ALA A 184 24.75 -3.90 -21.52
C ALA A 184 24.41 -3.39 -20.15
N VAL A 185 23.46 -2.49 -20.08
CA VAL A 185 22.78 -2.17 -18.83
C VAL A 185 21.35 -2.68 -18.99
N GLY A 186 20.80 -3.23 -17.91
CA GLY A 186 19.47 -3.83 -17.98
C GLY A 186 19.42 -4.73 -19.20
N PRO A 187 18.40 -4.59 -20.05
CA PRO A 187 17.46 -3.50 -20.08
C PRO A 187 16.24 -3.82 -19.26
N GLY A 188 15.54 -2.78 -18.82
CA GLY A 188 14.26 -2.96 -18.14
C GLY A 188 14.08 -1.97 -17.03
N ASN A 189 14.74 -2.22 -15.90
CA ASN A 189 14.58 -1.28 -14.77
C ASN A 189 15.60 -1.55 -13.70
N GLY A 190 15.88 -0.52 -12.92
CA GLY A 190 16.50 -0.68 -11.63
C GLY A 190 15.50 -0.47 -10.51
N ILE A 191 16.02 -0.49 -9.28
CA ILE A 191 15.18 -0.44 -8.11
C ILE A 191 15.75 0.51 -7.07
N LYS A 192 14.86 0.88 -6.15
CA LYS A 192 15.24 1.60 -4.96
C LYS A 192 15.01 0.69 -3.80
N LEU A 193 16.05 0.50 -2.99
CA LEU A 193 15.96 -0.39 -1.84
C LEU A 193 15.21 0.25 -0.69
N SER A 194 14.74 -0.58 0.22
N SER A 194 14.74 -0.58 0.22
CA SER A 194 14.11 -0.11 1.44
CA SER A 194 14.15 -0.09 1.47
C SER A 194 15.05 0.82 2.24
C SER A 194 15.06 0.86 2.22
N THR A 195 16.37 0.65 2.10
CA THR A 195 17.36 1.49 2.80
C THR A 195 17.78 2.68 1.92
N GLY A 196 17.19 2.82 0.75
CA GLY A 196 17.31 4.03 -0.03
C GLY A 196 18.32 4.03 -1.15
N GLU A 197 19.19 3.04 -1.23
CA GLU A 197 20.12 2.96 -2.35
C GLU A 197 19.38 2.57 -3.62
N LEU A 198 19.99 2.94 -4.74
CA LEU A 198 19.48 2.55 -6.04
C LEU A 198 20.34 1.43 -6.56
N VAL A 199 19.72 0.45 -7.20
CA VAL A 199 20.47 -0.65 -7.79
C VAL A 199 20.01 -0.86 -9.22
N ILE A 200 20.99 -0.81 -10.12
CA ILE A 200 20.79 -0.94 -11.55
C ILE A 200 21.52 -2.21 -12.00
N PRO A 201 20.83 -3.15 -12.66
CA PRO A 201 21.53 -4.33 -13.12
C PRO A 201 22.25 -4.05 -14.42
N ALA A 202 23.43 -4.61 -14.57
CA ALA A 202 24.21 -4.48 -15.80
C ALA A 202 24.97 -5.74 -16.06
N GLN A 203 25.65 -5.80 -17.18
CA GLN A 203 26.42 -6.98 -17.50
C GLN A 203 27.52 -7.20 -16.50
N GLY A 204 27.54 -8.38 -15.86
CA GLY A 204 28.61 -8.70 -14.94
C GLY A 204 28.66 -7.90 -13.66
N ARG A 205 27.67 -7.09 -13.34
CA ARG A 205 27.81 -6.16 -12.23
C ARG A 205 26.49 -5.54 -11.91
N ASN A 206 26.35 -5.08 -10.68
CA ASN A 206 25.33 -4.09 -10.37
C ASN A 206 25.96 -2.71 -10.34
N ILE A 207 25.13 -1.70 -10.55
CA ILE A 207 25.56 -0.30 -10.44
C ILE A 207 24.75 0.27 -9.31
N ILE A 208 25.44 0.74 -8.27
CA ILE A 208 24.77 1.10 -7.03
C ILE A 208 24.82 2.63 -6.91
N GLY A 209 23.66 3.24 -6.72
CA GLY A 209 23.56 4.67 -6.54
C GLY A 209 23.33 4.96 -5.07
N ARG A 210 24.15 5.83 -4.52
CA ARG A 210 24.05 6.24 -3.16
C ARG A 210 24.02 7.75 -3.07
N GLY A 211 23.43 8.26 -2.01
CA GLY A 211 23.33 9.67 -1.75
C GLY A 211 21.88 10.08 -1.53
N PRO A 212 21.67 11.35 -1.20
CA PRO A 212 20.37 11.91 -1.11
C PRO A 212 19.58 11.64 -2.37
N SER A 213 18.28 11.51 -2.20
CA SER A 213 17.39 11.33 -3.34
C SER A 213 17.65 12.46 -4.35
N GLY A 214 17.84 12.09 -5.61
CA GLY A 214 18.07 13.07 -6.65
C GLY A 214 19.49 13.62 -6.71
N ASN A 215 20.36 13.17 -5.83
CA ASN A 215 21.80 13.59 -5.95
C ASN A 215 22.69 12.41 -5.65
N ARG A 216 22.62 11.46 -6.58
CA ARG A 216 23.29 10.21 -6.36
C ARG A 216 24.68 10.21 -6.98
N THR A 217 25.60 9.45 -6.36
N THR A 217 25.52 9.37 -6.42
CA THR A 217 26.89 9.10 -6.94
CA THR A 217 26.64 8.94 -7.18
C THR A 217 26.89 7.55 -7.08
C THR A 217 26.83 7.50 -7.12
N TRP A 218 27.47 6.98 -8.15
CA TRP A 218 27.31 5.58 -8.52
C TRP A 218 28.63 4.84 -8.43
N SER A 219 28.56 3.56 -8.08
CA SER A 219 29.71 2.69 -8.07
C SER A 219 29.33 1.35 -8.64
N MET A 220 30.33 0.55 -8.97
CA MET A 220 30.09 -0.82 -9.44
C MET A 220 30.22 -1.84 -8.34
N GLN A 221 29.33 -2.81 -8.39
CA GLN A 221 29.40 -4.01 -7.58
C GLN A 221 29.69 -5.12 -8.59
N ILE A 222 30.95 -5.54 -8.69
CA ILE A 222 31.31 -6.55 -9.65
C ILE A 222 30.81 -7.92 -9.21
N LEU A 223 30.21 -8.65 -10.11
N LEU A 223 30.16 -8.66 -10.10
CA LEU A 223 29.63 -9.93 -9.79
CA LEU A 223 29.54 -9.94 -9.76
C LEU A 223 30.43 -10.99 -10.50
C LEU A 223 30.05 -11.10 -10.55
N LYS A 224 30.48 -12.16 -9.89
CA LYS A 224 31.01 -13.33 -10.56
C LYS A 224 29.87 -14.17 -11.08
N GLY A 225 29.93 -14.49 -12.36
CA GLY A 225 28.95 -15.35 -13.00
C GLY A 225 27.64 -14.73 -13.41
N ALA A 226 27.53 -13.41 -13.35
CA ALA A 226 26.31 -12.74 -13.74
C ALA A 226 26.20 -12.72 -15.25
N GLY A 227 24.97 -12.59 -15.73
CA GLY A 227 24.73 -12.47 -17.14
C GLY A 227 24.96 -11.09 -17.67
N SER A 228 24.64 -10.94 -18.95
CA SER A 228 24.71 -9.68 -19.66
C SER A 228 23.48 -8.86 -19.42
N GLU A 229 22.32 -9.47 -19.56
CA GLU A 229 21.05 -8.82 -19.36
C GLU A 229 20.43 -9.32 -18.07
N GLY A 230 20.57 -8.51 -17.03
CA GLY A 230 20.11 -8.89 -15.71
C GLY A 230 18.86 -8.18 -15.28
N THR A 231 18.20 -8.78 -14.31
CA THR A 231 17.16 -8.14 -13.56
C THR A 231 17.57 -8.10 -12.10
N ILE A 232 17.09 -7.09 -11.40
CA ILE A 232 17.34 -6.93 -9.98
C ILE A 232 16.03 -6.75 -9.25
N CYS A 233 15.95 -7.26 -8.02
CA CYS A 233 14.74 -7.12 -7.21
C CYS A 233 14.99 -7.42 -5.72
N GLN A 234 14.65 -6.48 -4.85
CA GLN A 234 14.83 -6.69 -3.42
C GLN A 234 13.65 -7.55 -2.99
N THR A 235 13.93 -8.79 -2.62
CA THR A 235 12.89 -9.74 -2.26
C THR A 235 12.35 -9.38 -0.88
N PRO A 236 11.25 -10.01 -0.48
CA PRO A 236 10.59 -9.57 0.77
C PRO A 236 11.47 -9.70 2.00
N ASP A 237 12.43 -10.62 1.98
CA ASP A 237 13.40 -10.75 3.06
C ASP A 237 14.40 -9.62 3.11
N GLY A 238 14.35 -8.67 2.18
CA GLY A 238 15.27 -7.56 2.18
C GLY A 238 16.56 -7.82 1.41
N LYS A 239 16.75 -9.03 0.97
CA LYS A 239 17.93 -9.37 0.19
C LYS A 239 17.80 -8.95 -1.27
N LEU A 240 18.95 -8.85 -1.93
CA LEU A 240 18.98 -8.62 -3.36
C LEU A 240 18.91 -9.91 -4.11
N MET A 241 18.33 -9.86 -5.30
CA MET A 241 18.31 -11.01 -6.19
C MET A 241 18.59 -10.53 -7.59
N ARG A 242 19.53 -11.20 -8.26
CA ARG A 242 19.71 -11.08 -9.70
C ARG A 242 19.05 -12.25 -10.37
N ASN A 243 18.25 -12.00 -11.39
CA ASN A 243 17.64 -13.06 -12.15
C ASN A 243 17.93 -12.71 -13.60
N ASP A 244 18.84 -13.49 -14.19
CA ASP A 244 19.46 -12.99 -15.41
C ASP A 244 19.15 -13.92 -16.58
N ARG A 245 19.23 -13.33 -17.76
CA ARG A 245 19.18 -14.06 -19.00
C ARG A 245 20.40 -14.97 -19.06
N PRO A 246 20.19 -16.23 -19.39
CA PRO A 246 21.33 -17.13 -19.50
C PRO A 246 22.06 -16.94 -20.82
N GLY A 247 23.31 -17.41 -20.89
CA GLY A 247 24.02 -17.44 -22.15
C GLY A 247 23.36 -18.47 -23.06
N PRO A 248 23.43 -19.75 -22.70
CA PRO A 248 22.78 -20.75 -23.54
C PRO A 248 21.28 -20.77 -23.26
N MET A 249 20.48 -21.18 -24.24
N MET A 249 20.48 -21.18 -24.24
CA MET A 249 19.07 -21.34 -24.00
CA MET A 249 19.07 -21.34 -24.00
C MET A 249 18.88 -22.37 -22.90
C MET A 249 18.87 -22.36 -22.91
N GLY A 250 17.84 -22.17 -22.09
CA GLY A 250 17.51 -23.15 -21.10
C GLY A 250 16.67 -22.58 -19.98
N HIS A 251 17.33 -21.92 -19.06
CA HIS A 251 16.70 -21.46 -17.82
C HIS A 251 17.36 -20.21 -17.29
N ARG A 252 16.59 -19.42 -16.56
CA ARG A 252 17.14 -18.23 -15.91
C ARG A 252 18.28 -18.57 -14.95
N SER A 253 19.17 -17.59 -14.75
CA SER A 253 20.27 -17.74 -13.89
C SER A 253 20.15 -16.82 -12.75
N VAL A 254 20.20 -17.32 -11.50
CA VAL A 254 19.73 -16.53 -10.37
C VAL A 254 20.80 -16.54 -9.27
N ALA A 255 20.99 -15.38 -8.64
CA ALA A 255 21.84 -15.25 -7.48
C ALA A 255 21.20 -14.35 -6.48
N ARG A 256 21.58 -14.50 -5.22
CA ARG A 256 21.06 -13.71 -4.12
C ARG A 256 22.16 -13.18 -3.24
N GLY A 257 21.89 -12.10 -2.54
CA GLY A 257 22.84 -11.56 -1.61
C GLY A 257 22.44 -10.19 -1.13
N THR A 258 23.42 -9.32 -0.95
CA THR A 258 23.19 -8.00 -0.39
C THR A 258 24.13 -7.05 -1.10
N LEU A 259 24.13 -5.81 -0.67
CA LEU A 259 25.08 -4.84 -1.20
C LEU A 259 26.53 -5.25 -0.92
N ALA A 260 26.76 -6.16 0.03
CA ALA A 260 28.12 -6.58 0.37
C ALA A 260 28.60 -7.66 -0.57
N GLY A 261 27.70 -8.18 -1.41
CA GLY A 261 28.07 -9.24 -2.33
C GLY A 261 26.94 -10.19 -2.59
N LEU A 262 26.98 -10.83 -3.76
CA LEU A 262 26.04 -11.87 -4.08
C LEU A 262 26.73 -13.23 -4.07
N GLY A 263 25.93 -14.26 -3.78
CA GLY A 263 26.40 -15.65 -3.83
C GLY A 263 26.45 -16.10 -5.27
N PRO A 264 26.63 -17.41 -5.45
CA PRO A 264 26.79 -17.92 -6.80
C PRO A 264 25.53 -17.83 -7.61
N PHE A 265 25.71 -17.62 -8.92
CA PHE A 265 24.62 -17.75 -9.85
C PHE A 265 24.37 -19.24 -10.14
N ALA A 266 23.12 -19.64 -10.18
CA ALA A 266 22.77 -21.01 -10.55
C ALA A 266 21.57 -21.03 -11.44
N THR A 267 21.54 -22.05 -12.28
CA THR A 267 20.40 -22.28 -13.12
C THR A 267 19.18 -22.57 -12.28
N ASP A 268 18.10 -21.86 -12.54
CA ASP A 268 16.82 -22.03 -11.85
C ASP A 268 15.93 -22.86 -12.74
N ASN A 269 15.82 -24.15 -12.43
CA ASN A 269 15.11 -25.04 -13.33
C ASN A 269 13.60 -24.81 -13.29
N GLY A 270 13.15 -23.97 -12.37
CA GLY A 270 11.75 -23.60 -12.32
C GLY A 270 11.40 -22.52 -13.34
N LEU A 271 12.40 -21.91 -13.99
CA LEU A 271 12.14 -20.76 -14.85
C LEU A 271 12.82 -20.98 -16.20
N PRO A 272 12.18 -21.78 -17.06
CA PRO A 272 12.72 -21.94 -18.39
C PRO A 272 12.78 -20.59 -19.11
N ASP A 273 13.76 -20.47 -20.00
CA ASP A 273 14.01 -19.23 -20.71
C ASP A 273 14.77 -19.58 -21.95
N PRO A 274 14.49 -18.92 -23.07
CA PRO A 274 15.12 -19.26 -24.35
C PRO A 274 16.36 -18.43 -24.65
N ALA A 275 17.01 -17.90 -23.61
CA ALA A 275 18.08 -16.90 -23.74
C ALA A 275 17.49 -15.61 -24.28
N CYS A 276 16.66 -15.00 -23.44
CA CYS A 276 16.01 -13.76 -23.73
C CYS A 276 15.93 -12.95 -22.46
N GLN A 277 15.79 -11.64 -22.58
CA GLN A 277 15.57 -10.80 -21.43
C GLN A 277 14.24 -11.19 -20.76
N GLY A 278 14.22 -10.95 -19.44
CA GLY A 278 13.00 -11.07 -18.65
C GLY A 278 12.84 -9.85 -17.79
N SER A 279 11.78 -9.84 -16.99
CA SER A 279 11.51 -8.74 -16.11
C SER A 279 10.97 -9.23 -14.79
N ILE A 280 11.21 -8.45 -13.73
CA ILE A 280 10.82 -8.85 -12.40
C ILE A 280 10.37 -7.61 -11.67
N LEU A 281 9.46 -7.80 -10.71
CA LEU A 281 8.87 -6.67 -10.04
C LEU A 281 8.49 -7.03 -8.64
N SER A 282 8.98 -6.29 -7.65
CA SER A 282 8.45 -6.41 -6.28
C SER A 282 7.12 -5.69 -6.26
N TYR A 283 6.07 -6.44 -5.97
CA TYR A 283 4.73 -5.87 -6.14
C TYR A 283 4.23 -5.17 -4.90
N ASN A 284 4.45 -5.80 -3.77
CA ASN A 284 3.92 -5.24 -2.56
C ASN A 284 4.65 -5.83 -1.40
N SER A 285 4.66 -5.06 -0.30
CA SER A 285 5.36 -5.38 0.92
C SER A 285 4.42 -5.92 1.99
N ASP A 286 3.16 -5.48 1.96
CA ASP A 286 2.16 -5.93 2.93
C ASP A 286 1.76 -7.40 2.70
N GLU A 287 0.95 -7.97 3.59
CA GLU A 287 0.67 -9.40 3.54
C GLU A 287 -0.37 -9.72 2.45
N PRO A 288 -0.15 -10.77 1.64
CA PRO A 288 1.14 -11.47 1.47
C PRO A 288 2.07 -10.75 0.48
N ALA A 289 3.36 -10.65 0.80
CA ALA A 289 4.30 -9.99 -0.12
C ALA A 289 4.48 -10.84 -1.38
N ARG A 290 4.59 -10.17 -2.52
CA ARG A 290 4.64 -10.83 -3.83
C ARG A 290 5.74 -10.28 -4.68
N THR A 291 6.36 -11.19 -5.42
CA THR A 291 7.27 -10.82 -6.50
C THR A 291 6.63 -11.32 -7.81
N ILE A 292 6.70 -10.51 -8.85
CA ILE A 292 6.12 -10.86 -10.14
C ILE A 292 7.28 -11.07 -11.09
N PHE A 293 7.19 -12.08 -11.95
CA PHE A 293 8.22 -12.35 -12.93
C PHE A 293 7.58 -12.57 -14.27
N MET A 294 8.22 -12.08 -15.34
CA MET A 294 7.72 -12.26 -16.69
C MET A 294 8.87 -12.62 -17.60
N ASN A 295 8.66 -13.64 -18.43
CA ASN A 295 9.61 -13.98 -19.44
C ASN A 295 8.90 -14.89 -20.43
N SER A 296 9.64 -15.41 -21.41
CA SER A 296 9.08 -16.46 -22.26
C SER A 296 9.42 -17.77 -21.59
N ALA A 297 8.39 -18.48 -21.11
CA ALA A 297 8.59 -19.70 -20.35
C ALA A 297 8.82 -20.90 -21.27
N SER A 298 9.91 -20.87 -22.01
CA SER A 298 10.24 -21.94 -22.93
C SER A 298 11.73 -21.96 -23.17
N THR A 299 12.30 -23.16 -23.20
CA THR A 299 13.72 -23.30 -23.40
C THR A 299 14.12 -22.94 -24.84
N ASP A 300 13.17 -22.75 -25.76
CA ASP A 300 13.59 -22.50 -27.15
C ASP A 300 12.90 -21.41 -27.92
N ARG A 301 11.79 -20.85 -27.43
CA ARG A 301 11.09 -19.80 -28.20
C ARG A 301 10.73 -18.64 -27.32
N ARG A 302 10.60 -17.47 -27.94
CA ARG A 302 10.23 -16.25 -27.22
C ARG A 302 8.72 -15.99 -27.20
N THR A 303 7.93 -16.88 -27.77
CA THR A 303 6.50 -16.72 -27.93
C THR A 303 5.71 -17.46 -26.86
N ALA A 304 6.30 -17.71 -25.70
CA ALA A 304 5.61 -18.38 -24.61
C ALA A 304 5.56 -17.48 -23.40
N MET A 305 5.16 -16.24 -23.58
CA MET A 305 5.20 -15.30 -22.47
C MET A 305 4.31 -15.76 -21.32
N ARG A 306 4.86 -15.62 -20.13
CA ARG A 306 4.24 -16.09 -18.94
C ARG A 306 4.53 -15.09 -17.84
N VAL A 307 3.49 -14.74 -17.08
CA VAL A 307 3.69 -13.93 -15.87
C VAL A 307 3.35 -14.76 -14.65
N ARG A 308 4.16 -14.62 -13.63
CA ARG A 308 4.11 -15.48 -12.44
C ARG A 308 4.24 -14.68 -11.19
N ILE A 309 3.78 -15.27 -10.09
CA ILE A 309 3.96 -14.70 -8.78
C ILE A 309 4.76 -15.65 -7.91
N SER A 310 5.64 -15.07 -7.10
CA SER A 310 6.23 -15.78 -5.99
C SER A 310 5.81 -15.16 -4.70
N TYR A 311 5.47 -16.01 -3.74
CA TYR A 311 5.14 -15.59 -2.39
C TYR A 311 6.29 -15.80 -1.42
N ASP A 312 7.39 -16.37 -1.91
CA ASP A 312 8.49 -16.72 -1.03
C ASP A 312 9.29 -15.47 -0.65
N LYS A 313 9.79 -15.45 0.56
CA LYS A 313 10.54 -14.27 0.98
C LYS A 313 11.85 -14.12 0.23
N ASP A 314 12.34 -15.20 -0.35
CA ASP A 314 13.55 -15.20 -1.19
C ASP A 314 13.21 -15.40 -2.65
N ALA A 315 11.92 -15.38 -2.98
CA ALA A 315 11.46 -15.65 -4.36
C ALA A 315 12.03 -16.96 -4.90
N ALA A 316 12.13 -17.98 -4.03
CA ALA A 316 12.70 -19.25 -4.51
C ALA A 316 11.83 -19.91 -5.56
N LYS A 317 10.52 -19.84 -5.39
CA LYS A 317 9.58 -20.55 -6.25
C LYS A 317 8.54 -19.60 -6.79
N PHE A 318 8.26 -19.72 -8.06
CA PHE A 318 7.16 -19.03 -8.69
C PHE A 318 6.10 -20.02 -9.09
N ASN A 319 4.86 -19.53 -9.16
CA ASN A 319 3.75 -20.35 -9.61
C ASN A 319 3.79 -20.52 -11.13
N PHE A 320 2.87 -21.33 -11.65
CA PHE A 320 2.73 -21.46 -13.09
C PHE A 320 2.36 -20.09 -13.67
N GLY A 321 1.43 -19.42 -13.01
CA GLY A 321 1.04 -18.10 -13.41
C GLY A 321 0.08 -18.14 -14.57
N ARG A 322 0.27 -17.23 -15.52
CA ARG A 322 -0.69 -17.02 -16.61
C ARG A 322 0.11 -16.83 -17.89
N GLU A 323 -0.29 -17.60 -18.88
CA GLU A 323 0.20 -17.42 -20.24
C GLU A 323 -0.48 -16.20 -20.85
N LEU A 324 0.33 -15.27 -21.38
CA LEU A 324 -0.25 -14.05 -21.93
C LEU A 324 -1.13 -14.32 -23.12
N LYS A 325 -0.88 -15.41 -23.83
CA LYS A 325 -1.69 -15.75 -24.97
C LYS A 325 -3.15 -16.00 -24.62
N ASP A 326 -3.44 -16.18 -23.35
CA ASP A 326 -4.84 -16.28 -22.95
C ASP A 326 -5.63 -15.01 -23.25
N ALA A 327 -4.94 -13.86 -23.28
CA ALA A 327 -5.54 -12.59 -23.66
C ALA A 327 -4.77 -12.07 -24.85
N PRO A 328 -4.96 -12.67 -26.01
CA PRO A 328 -4.10 -12.37 -27.14
C PRO A 328 -4.54 -11.10 -27.84
N LEU A 329 -3.64 -10.52 -28.64
CA LEU A 329 -3.97 -9.39 -29.55
C LEU A 329 -3.82 -9.89 -30.98
N GLY A 330 -4.68 -9.52 -31.94
CA GLY A 330 -4.60 -10.07 -33.33
C GLY A 330 -3.97 -9.21 -34.45
N ASN A 331 -3.60 -7.99 -34.11
CA ASN A 331 -3.09 -6.99 -35.10
C ASN A 331 -1.76 -6.40 -34.67
N VAL A 332 -0.92 -7.23 -34.05
CA VAL A 332 0.40 -6.81 -33.55
C VAL A 332 1.51 -7.78 -33.87
N GLY A 333 1.27 -8.77 -34.73
CA GLY A 333 2.28 -9.78 -34.95
C GLY A 333 2.26 -10.85 -33.86
N ASN A 334 3.36 -11.54 -33.75
CA ASN A 334 3.49 -12.65 -32.84
C ASN A 334 4.12 -12.17 -31.55
N GLU A 335 3.33 -12.13 -30.48
CA GLU A 335 3.82 -11.58 -29.24
C GLU A 335 4.87 -12.44 -28.60
N GLY A 336 5.90 -11.80 -28.08
CA GLY A 336 6.86 -12.49 -27.26
C GLY A 336 8.24 -11.89 -27.43
N GLY A 337 8.94 -11.75 -26.34
CA GLY A 337 10.30 -11.24 -26.35
C GLY A 337 10.58 -10.55 -25.05
N TYR A 338 11.34 -9.45 -25.15
CA TYR A 338 11.69 -8.69 -23.96
C TYR A 338 10.41 -8.08 -23.35
N SER A 339 10.49 -7.80 -22.07
CA SER A 339 9.38 -7.28 -21.30
C SER A 339 9.83 -6.36 -20.22
N SER A 340 8.90 -5.56 -19.71
CA SER A 340 9.17 -4.70 -18.56
C SER A 340 7.89 -4.48 -17.83
N MET A 341 7.93 -4.51 -16.51
CA MET A 341 6.75 -4.34 -15.69
C MET A 341 6.86 -3.21 -14.67
N THR A 342 5.73 -2.62 -14.37
CA THR A 342 5.57 -1.67 -13.29
C THR A 342 4.25 -1.92 -12.61
N LYS A 343 4.12 -1.41 -11.39
N LYS A 343 4.11 -1.41 -11.39
CA LYS A 343 2.81 -1.34 -10.74
CA LYS A 343 2.81 -1.32 -10.75
C LYS A 343 2.17 -0.02 -11.20
C LYS A 343 2.18 -0.01 -11.22
N THR A 344 0.88 -0.01 -11.38
CA THR A 344 0.16 1.23 -11.63
C THR A 344 -0.56 1.67 -10.34
N SER A 345 -1.00 2.91 -10.32
CA SER A 345 -1.65 3.41 -9.10
C SER A 345 -2.95 2.68 -8.81
N ASP A 346 -3.65 2.25 -9.86
CA ASP A 346 -4.90 1.54 -9.73
C ASP A 346 -4.74 0.00 -9.58
N TYR A 347 -3.69 -0.39 -8.86
CA TYR A 347 -3.50 -1.75 -8.42
C TYR A 347 -3.51 -2.74 -9.59
N LYS A 348 -2.79 -2.37 -10.62
CA LYS A 348 -2.58 -3.29 -11.70
C LYS A 348 -1.09 -3.40 -11.92
N ILE A 349 -0.72 -4.42 -12.68
CA ILE A 349 0.59 -4.55 -13.28
C ILE A 349 0.48 -4.08 -14.68
N GLY A 350 1.39 -3.18 -15.07
CA GLY A 350 1.54 -2.75 -16.43
C GLY A 350 2.77 -3.36 -17.01
N ALA A 351 2.66 -3.97 -18.19
CA ALA A 351 3.78 -4.66 -18.79
C ALA A 351 3.89 -4.24 -20.23
N LEU A 352 5.11 -3.87 -20.62
CA LEU A 352 5.44 -3.77 -22.03
C LEU A 352 5.97 -5.12 -22.49
N VAL A 353 5.55 -5.56 -23.67
CA VAL A 353 5.98 -6.84 -24.22
C VAL A 353 6.27 -6.66 -25.70
N GLU A 354 7.43 -7.14 -26.12
CA GLU A 354 7.76 -7.15 -27.53
C GLU A 354 6.85 -8.06 -28.33
N SER A 355 6.67 -7.69 -29.61
CA SER A 355 5.96 -8.50 -30.58
C SER A 355 6.62 -8.37 -31.91
N ASP A 356 6.56 -9.44 -32.69
CA ASP A 356 7.33 -9.54 -33.94
C ASP A 356 6.41 -9.91 -35.09
N TRP A 357 6.29 -9.04 -36.08
CA TRP A 357 5.46 -9.34 -37.23
C TRP A 357 6.03 -10.48 -38.06
N TYR A 358 7.34 -10.67 -38.00
CA TYR A 358 7.96 -11.86 -38.54
C TYR A 358 7.87 -11.98 -40.05
N GLU A 359 7.72 -10.86 -40.75
CA GLU A 359 7.38 -10.99 -42.19
C GLU A 359 8.55 -11.55 -43.00
N ASP A 360 9.78 -11.32 -42.49
CA ASP A 360 11.05 -11.77 -43.10
C ASP A 360 11.59 -12.82 -42.16
N LYS A 361 10.70 -13.50 -41.42
CA LYS A 361 11.11 -14.50 -40.42
C LYS A 361 12.09 -13.83 -39.46
N GLY A 362 13.24 -14.45 -39.22
CA GLY A 362 14.25 -13.89 -38.36
C GLY A 362 15.10 -12.84 -39.05
N GLY A 363 14.82 -12.50 -40.32
CA GLY A 363 15.69 -11.50 -40.94
C GLY A 363 15.43 -10.09 -40.44
N GLU A 364 16.30 -9.21 -40.87
CA GLU A 364 16.33 -7.85 -40.37
C GLU A 364 15.15 -7.01 -40.77
N LYS A 365 14.40 -7.45 -41.76
CA LYS A 365 13.29 -6.65 -42.26
C LYS A 365 11.98 -6.87 -41.49
N SER A 366 11.94 -7.84 -40.58
N SER A 366 11.94 -7.84 -40.58
CA SER A 366 10.73 -8.11 -39.82
CA SER A 366 10.73 -8.12 -39.83
C SER A 366 10.47 -6.98 -38.85
C SER A 366 10.47 -6.98 -38.85
N HIS A 367 9.27 -6.42 -38.92
CA HIS A 367 8.94 -5.31 -38.07
C HIS A 367 8.61 -5.76 -36.67
N ARG A 368 9.10 -4.99 -35.70
CA ARG A 368 8.86 -5.26 -34.29
C ARG A 368 8.08 -4.13 -33.66
N CYS A 369 7.13 -4.48 -32.80
CA CYS A 369 6.34 -3.48 -32.10
C CYS A 369 6.26 -3.85 -30.64
N ILE A 370 5.66 -3.00 -29.82
CA ILE A 370 5.63 -3.24 -28.38
C ILE A 370 4.21 -3.04 -27.88
N ILE A 371 3.72 -4.05 -27.17
CA ILE A 371 2.40 -4.10 -26.59
C ILE A 371 2.44 -3.57 -25.17
N TRP A 372 1.40 -2.85 -24.78
CA TRP A 372 1.15 -2.48 -23.39
C TRP A 372 -0.02 -3.27 -22.87
N ARG A 373 0.28 -4.07 -21.86
CA ARG A 373 -0.70 -4.87 -21.13
C ARG A 373 -0.89 -4.30 -19.75
N ARG A 374 -2.12 -4.36 -19.27
CA ARG A 374 -2.36 -4.15 -17.85
C ARG A 374 -3.21 -5.34 -17.39
N PHE A 375 -2.95 -5.76 -16.17
CA PHE A 375 -3.76 -6.85 -15.60
C PHE A 375 -3.64 -6.77 -14.11
N ASN A 376 -4.65 -7.30 -13.42
CA ASN A 376 -4.56 -7.38 -11.98
C ASN A 376 -4.01 -8.73 -11.51
N LEU A 377 -3.72 -8.80 -10.23
CA LEU A 377 -3.26 -10.05 -9.63
C LEU A 377 -4.25 -11.17 -9.90
N SER A 378 -5.54 -10.89 -9.80
CA SER A 378 -6.51 -11.95 -10.04
C SER A 378 -6.40 -12.61 -11.41
N TRP A 379 -6.09 -11.83 -12.46
CA TRP A 379 -5.90 -12.41 -13.75
C TRP A 379 -4.79 -13.41 -13.71
N ILE A 380 -3.72 -13.12 -12.97
CA ILE A 380 -2.62 -14.08 -12.90
C ILE A 380 -3.03 -15.32 -12.11
N ILE A 381 -3.57 -15.07 -10.92
CA ILE A 381 -3.86 -16.13 -9.96
C ILE A 381 -4.85 -17.14 -10.52
N ASN A 382 -5.83 -16.57 -11.20
CA ASN A 382 -6.87 -17.41 -11.79
C ASN A 382 -6.60 -17.97 -13.19
N GLY A 383 -5.37 -17.98 -13.62
CA GLY A 383 -5.04 -18.66 -14.83
C GLY A 383 -5.45 -20.12 -14.81
N PRO A 384 -5.85 -20.66 -15.96
CA PRO A 384 -6.38 -22.03 -16.01
C PRO A 384 -5.37 -23.11 -15.58
N ASN A 385 -4.07 -22.80 -15.71
CA ASN A 385 -3.09 -23.81 -15.33
C ASN A 385 -2.40 -23.42 -14.04
N ASN A 386 -2.89 -22.37 -13.38
CA ASN A 386 -2.31 -21.97 -12.13
C ASN A 386 -2.96 -22.59 -10.92
N ASP B 4 7.72 14.42 4.20
CA ASP B 4 6.62 13.50 3.85
C ASP B 4 5.98 13.89 2.52
N PRO B 5 6.16 13.04 1.50
CA PRO B 5 5.63 13.38 0.19
C PRO B 5 4.12 13.55 0.17
N ALA B 6 3.41 12.99 1.15
CA ALA B 6 1.97 13.18 1.19
C ALA B 6 1.61 14.61 1.45
N GLY B 7 2.55 15.45 2.03
CA GLY B 7 2.19 16.81 2.36
C GLY B 7 2.03 17.66 1.05
N LYS B 8 2.47 17.12 -0.11
CA LYS B 8 2.39 17.87 -1.41
C LYS B 8 1.01 17.74 -2.02
N ALA B 9 0.20 16.80 -1.50
CA ALA B 9 -1.10 16.56 -2.12
C ALA B 9 -2.13 17.61 -1.65
N ALA B 10 -3.18 17.84 -2.48
CA ALA B 10 -4.19 18.83 -2.11
C ALA B 10 -4.87 18.34 -0.84
N GLN B 11 -4.99 19.25 0.09
CA GLN B 11 -5.66 18.92 1.31
C GLN B 11 -7.13 18.54 1.11
N TYR B 12 -7.55 17.49 1.78
CA TYR B 12 -8.91 17.05 1.76
C TYR B 12 -9.44 16.87 3.14
N HIS B 13 -10.64 17.38 3.38
CA HIS B 13 -11.37 17.07 4.58
C HIS B 13 -12.84 17.11 4.23
N LYS B 14 -13.63 16.30 4.90
CA LYS B 14 -15.08 16.36 4.79
C LYS B 14 -15.65 15.85 6.10
N GLU B 15 -16.76 16.44 6.54
CA GLU B 15 -17.27 16.11 7.84
C GLU B 15 -18.78 16.29 7.90
N TYR B 16 -19.46 15.34 8.57
CA TYR B 16 -20.88 15.45 8.76
C TYR B 16 -21.27 14.51 9.90
N ALA B 17 -22.43 14.76 10.50
CA ALA B 17 -22.89 13.88 11.55
C ALA B 17 -23.27 12.51 11.00
N LEU B 18 -22.86 11.47 11.68
CA LEU B 18 -23.21 10.10 11.30
C LEU B 18 -24.21 9.43 12.24
N PHE B 19 -24.08 9.71 13.53
CA PHE B 19 -25.05 9.22 14.50
C PHE B 19 -25.73 10.44 15.08
N ARG B 20 -27.00 10.59 14.72
CA ARG B 20 -27.78 11.78 14.96
C ARG B 20 -28.71 11.56 16.14
N SER B 21 -28.44 12.29 17.20
CA SER B 21 -29.19 12.17 18.44
C SER B 21 -30.64 12.58 18.26
N ALA B 22 -31.46 12.24 19.24
CA ALA B 22 -32.90 12.31 19.14
C ALA B 22 -33.40 13.71 18.88
N ASN B 23 -32.63 14.69 19.32
CA ASN B 23 -33.00 16.11 19.14
C ASN B 23 -32.68 16.67 17.75
N MET B 24 -31.95 15.94 16.95
CA MET B 24 -31.57 16.45 15.65
C MET B 24 -32.59 16.09 14.61
N PRO B 25 -32.63 16.85 13.52
CA PRO B 25 -33.48 16.46 12.39
C PRO B 25 -33.01 15.08 11.90
N SER B 26 -33.96 14.28 11.42
CA SER B 26 -33.63 12.94 10.92
C SER B 26 -32.80 12.18 11.95
N PRO B 27 -33.32 12.04 13.17
CA PRO B 27 -32.59 11.33 14.18
C PRO B 27 -32.46 9.86 13.83
N ASP B 28 -31.35 9.26 14.25
CA ASP B 28 -31.14 7.85 13.98
C ASP B 28 -32.00 6.99 14.90
N LYS B 29 -32.78 6.12 14.28
CA LYS B 29 -33.62 5.17 14.97
C LYS B 29 -33.47 3.82 14.30
N LEU B 30 -33.68 2.76 15.08
CA LEU B 30 -33.76 1.42 14.53
C LEU B 30 -35.06 1.26 13.76
N ALA B 31 -35.13 0.22 12.96
CA ALA B 31 -36.30 -0.06 12.16
C ALA B 31 -37.52 -0.36 13.04
N THR B 32 -37.29 -0.77 14.29
CA THR B 32 -38.37 -0.99 15.24
C THR B 32 -38.97 0.28 15.78
N GLY B 33 -38.36 1.43 15.48
CA GLY B 33 -38.81 2.69 16.01
C GLY B 33 -38.09 3.10 17.26
N VAL B 34 -37.21 2.26 17.80
CA VAL B 34 -36.43 2.66 18.95
C VAL B 34 -35.40 3.71 18.53
N GLY B 35 -35.49 4.87 19.17
CA GLY B 35 -34.50 5.91 19.03
C GLY B 35 -33.66 6.06 20.27
N PHE B 36 -32.78 7.04 20.19
CA PHE B 36 -31.75 7.19 21.20
C PHE B 36 -31.51 8.65 21.49
N HIS B 37 -31.59 8.97 22.78
CA HIS B 37 -31.26 10.31 23.25
C HIS B 37 -29.89 10.73 22.76
N SER B 38 -28.94 9.83 22.95
CA SER B 38 -27.53 10.13 22.69
C SER B 38 -26.87 8.94 22.03
N PHE B 39 -25.84 9.24 21.25
CA PHE B 39 -24.90 8.27 20.77
C PHE B 39 -23.54 8.65 21.30
N ARG B 40 -22.83 7.70 21.88
CA ARG B 40 -21.50 7.90 22.40
C ARG B 40 -20.67 6.67 22.06
N ILE B 41 -19.36 6.80 22.30
CA ILE B 41 -18.47 5.64 22.35
C ILE B 41 -18.32 4.99 20.97
N PRO B 42 -17.74 5.76 20.03
CA PRO B 42 -17.60 5.27 18.68
C PRO B 42 -16.53 4.22 18.50
N ALA B 43 -16.69 3.44 17.44
CA ALA B 43 -15.66 2.52 16.98
C ALA B 43 -15.84 2.38 15.49
N VAL B 44 -14.74 2.38 14.73
CA VAL B 44 -14.87 2.22 13.28
C VAL B 44 -13.76 1.34 12.74
N VAL B 45 -14.13 0.48 11.79
CA VAL B 45 -13.15 -0.31 11.03
C VAL B 45 -13.51 -0.37 9.59
N ARG B 46 -12.47 -0.46 8.76
CA ARG B 46 -12.63 -0.82 7.37
C ARG B 46 -12.44 -2.34 7.27
N THR B 47 -13.39 -3.02 6.65
CA THR B 47 -13.26 -4.45 6.47
C THR B 47 -12.38 -4.72 5.25
N ASN B 48 -12.05 -5.99 5.05
CA ASN B 48 -11.24 -6.33 3.89
C ASN B 48 -11.94 -6.19 2.56
N THR B 49 -13.24 -5.92 2.55
CA THR B 49 -13.89 -5.60 1.30
C THR B 49 -13.78 -4.12 0.95
N GLY B 50 -13.42 -3.29 1.94
CA GLY B 50 -13.45 -1.85 1.79
C GLY B 50 -14.65 -1.23 2.48
N ARG B 51 -15.64 -2.05 2.85
CA ARG B 51 -16.78 -1.54 3.55
C ARG B 51 -16.34 -0.97 4.90
N ILE B 52 -17.00 0.10 5.36
N ILE B 52 -17.00 0.10 5.36
CA ILE B 52 -16.72 0.66 6.67
CA ILE B 52 -16.73 0.67 6.66
C ILE B 52 -17.87 0.31 7.59
C ILE B 52 -17.87 0.31 7.59
N LEU B 53 -17.49 -0.15 8.79
CA LEU B 53 -18.43 -0.46 9.86
C LEU B 53 -18.21 0.54 10.99
N ALA B 54 -19.29 1.25 11.37
CA ALA B 54 -19.24 2.24 12.41
C ALA B 54 -20.18 1.79 13.51
N PHE B 55 -19.64 1.71 14.74
CA PHE B 55 -20.37 1.28 15.89
C PHE B 55 -20.49 2.40 16.89
N ALA B 56 -21.49 2.32 17.77
CA ALA B 56 -21.65 3.26 18.85
C ALA B 56 -22.54 2.66 19.90
N GLU B 57 -22.52 3.29 21.06
CA GLU B 57 -23.55 3.08 22.06
C GLU B 57 -24.73 3.99 21.75
N GLY B 58 -25.89 3.37 21.61
CA GLY B 58 -27.15 4.07 21.53
C GLY B 58 -27.69 4.13 22.95
N ARG B 59 -27.61 5.32 23.53
CA ARG B 59 -27.98 5.54 24.93
C ARG B 59 -29.41 6.05 24.90
N ARG B 60 -30.31 5.12 25.22
CA ARG B 60 -31.77 5.28 25.12
C ARG B 60 -32.57 6.41 25.78
N HIS B 61 -32.14 6.89 26.94
CA HIS B 61 -32.94 7.90 27.63
C HIS B 61 -32.23 9.17 28.04
N ASN B 62 -30.92 9.09 28.13
CA ASN B 62 -30.09 10.20 28.57
C ASN B 62 -28.67 9.84 28.18
N ASN B 63 -27.72 10.70 28.52
CA ASN B 63 -26.37 10.49 28.04
C ASN B 63 -25.51 9.66 28.97
N ARG B 64 -26.10 9.16 30.06
CA ARG B 64 -25.36 8.38 31.05
C ARG B 64 -24.68 7.14 30.49
N ASP B 65 -23.74 6.61 31.26
CA ASP B 65 -23.00 5.40 30.87
C ASP B 65 -23.71 4.12 31.23
N TYR B 66 -24.74 4.25 32.07
CA TYR B 66 -25.49 3.12 32.60
C TYR B 66 -26.92 3.21 32.11
N GLY B 67 -27.71 2.21 32.46
CA GLY B 67 -29.07 2.12 31.98
C GLY B 67 -29.18 1.38 30.68
N ASP B 68 -30.30 1.61 30.01
CA ASP B 68 -30.65 0.88 28.81
C ASP B 68 -29.89 1.48 27.63
N ILE B 69 -28.87 0.77 27.22
CA ILE B 69 -27.93 1.21 26.19
C ILE B 69 -27.75 0.03 25.26
N ASN B 70 -27.85 0.28 23.97
CA ASN B 70 -27.77 -0.76 22.99
C ASN B 70 -26.52 -0.49 22.13
N LEU B 71 -25.88 -1.54 21.65
CA LEU B 71 -24.71 -1.39 20.78
C LEU B 71 -25.23 -1.41 19.36
N VAL B 72 -25.12 -0.27 18.70
CA VAL B 72 -25.71 -0.04 17.40
C VAL B 72 -24.60 0.16 16.36
N TYR B 73 -24.98 0.16 15.09
CA TYR B 73 -23.99 0.29 14.04
C TYR B 73 -24.63 0.74 12.76
N LYS B 74 -23.77 1.19 11.88
CA LYS B 74 -24.10 1.47 10.46
C LYS B 74 -22.97 0.92 9.65
N ARG B 75 -23.28 0.56 8.42
CA ARG B 75 -22.25 0.22 7.43
C ARG B 75 -22.35 1.13 6.25
N THR B 76 -21.27 1.28 5.52
CA THR B 76 -21.42 1.83 4.20
C THR B 76 -22.23 0.88 3.33
N LYS B 77 -23.04 1.47 2.44
CA LYS B 77 -23.98 0.68 1.64
C LYS B 77 -23.25 -0.25 0.70
N SER B 78 -22.08 0.17 0.21
CA SER B 78 -21.27 -0.68 -0.63
C SER B 78 -19.89 -0.79 -0.04
N PRO B 79 -19.08 -1.72 -0.56
CA PRO B 79 -17.70 -1.82 -0.09
C PRO B 79 -16.83 -0.73 -0.70
N THR B 80 -17.29 0.01 -1.69
CA THR B 80 -16.40 0.87 -2.44
C THR B 80 -16.70 2.36 -2.28
N ASN B 81 -17.74 2.74 -1.52
CA ASN B 81 -18.09 4.16 -1.47
C ASN B 81 -17.30 4.98 -0.45
N ASN B 82 -16.59 4.28 0.44
CA ASN B 82 -15.64 4.92 1.36
C ASN B 82 -16.29 5.89 2.33
N GLY B 83 -17.60 5.79 2.49
CA GLY B 83 -18.28 6.69 3.43
C GLY B 83 -18.21 8.16 3.02
N GLU B 84 -18.14 8.43 1.73
CA GLU B 84 -17.87 9.78 1.26
C GLU B 84 -19.02 10.73 1.63
N ASN B 85 -20.27 10.30 1.35
CA ASN B 85 -21.42 11.16 1.52
C ASN B 85 -22.37 10.56 2.55
N PRO B 86 -23.23 11.39 3.15
CA PRO B 86 -24.22 10.83 4.08
C PRO B 86 -25.05 9.69 3.48
N THR B 87 -25.47 9.83 2.24
CA THR B 87 -26.27 8.79 1.61
C THR B 87 -25.49 7.54 1.24
N ASP B 88 -24.20 7.50 1.51
CA ASP B 88 -23.41 6.32 1.35
C ASP B 88 -23.55 5.35 2.52
N TRP B 89 -24.23 5.73 3.58
CA TRP B 89 -24.37 4.91 4.78
C TRP B 89 -25.77 4.35 4.87
N GLU B 90 -25.81 3.09 5.30
CA GLU B 90 -27.04 2.43 5.63
C GLU B 90 -27.68 3.06 6.84
N SER B 91 -28.95 2.75 7.03
N SER B 91 -28.95 2.78 7.04
N SER B 91 -28.95 2.75 7.02
CA SER B 91 -29.64 3.15 8.23
CA SER B 91 -29.60 3.23 8.25
CA SER B 91 -29.67 3.13 8.21
C SER B 91 -29.15 2.37 9.44
C SER B 91 -29.18 2.38 9.43
C SER B 91 -29.16 2.37 9.43
N LEU B 92 -29.46 2.91 10.62
CA LEU B 92 -28.98 2.34 11.88
C LEU B 92 -29.51 0.93 12.09
N ARG B 93 -28.62 0.08 12.57
N ARG B 93 -28.63 0.07 12.56
CA ARG B 93 -28.89 -1.29 12.93
CA ARG B 93 -29.01 -1.28 12.96
C ARG B 93 -28.41 -1.54 14.34
C ARG B 93 -28.41 -1.55 14.33
N GLU B 94 -28.76 -2.69 14.89
CA GLU B 94 -28.41 -3.03 16.26
C GLU B 94 -27.58 -4.29 16.28
N VAL B 95 -26.45 -4.25 16.96
CA VAL B 95 -25.70 -5.48 17.23
C VAL B 95 -26.38 -6.24 18.36
N VAL B 96 -26.55 -5.58 19.51
CA VAL B 96 -27.18 -6.18 20.66
C VAL B 96 -27.86 -5.10 21.48
N GLY B 97 -29.09 -5.39 21.89
CA GLY B 97 -29.83 -4.47 22.73
C GLY B 97 -30.67 -5.14 23.80
N THR B 98 -30.47 -6.42 24.02
N THR B 98 -30.49 -6.43 24.01
CA THR B 98 -31.33 -7.20 24.89
CA THR B 98 -31.45 -7.15 24.80
C THR B 98 -31.50 -6.61 26.26
C THR B 98 -31.52 -6.64 26.24
N GLY B 99 -32.73 -6.61 26.74
CA GLY B 99 -32.97 -6.25 28.12
C GLY B 99 -32.80 -4.76 28.39
N PRO B 100 -32.93 -4.41 29.66
CA PRO B 100 -32.72 -3.05 30.09
C PRO B 100 -31.24 -2.77 30.37
N HIS B 101 -30.36 -3.68 29.93
CA HIS B 101 -28.97 -3.68 30.27
C HIS B 101 -28.16 -2.68 29.48
N THR B 102 -26.94 -2.45 29.95
CA THR B 102 -25.97 -1.67 29.19
C THR B 102 -25.14 -2.61 28.33
N TRP B 103 -25.12 -2.36 27.03
CA TRP B 103 -24.23 -3.04 26.08
C TRP B 103 -23.42 -1.95 25.39
N GLY B 104 -22.10 -2.05 25.45
CA GLY B 104 -21.32 -0.95 24.94
C GLY B 104 -19.86 -1.25 24.80
N ASN B 105 -19.07 -0.19 24.84
CA ASN B 105 -17.64 -0.31 24.67
C ASN B 105 -17.24 -1.06 23.39
N PRO B 106 -17.80 -0.70 22.24
CA PRO B 106 -17.46 -1.44 21.03
C PRO B 106 -15.97 -1.39 20.77
N THR B 107 -15.41 -2.57 20.54
CA THR B 107 -13.98 -2.73 20.30
C THR B 107 -13.79 -3.77 19.18
N PRO B 108 -13.93 -3.38 17.92
CA PRO B 108 -13.81 -4.30 16.81
C PRO B 108 -12.40 -4.54 16.36
N VAL B 109 -12.19 -5.69 15.72
CA VAL B 109 -10.96 -5.94 14.99
C VAL B 109 -11.30 -6.82 13.78
N VAL B 110 -10.75 -6.44 12.63
CA VAL B 110 -10.93 -7.16 11.40
C VAL B 110 -9.89 -8.28 11.31
N ASP B 111 -10.36 -9.48 10.98
CA ASP B 111 -9.51 -10.65 10.84
C ASP B 111 -9.87 -11.40 9.56
N GLY B 112 -9.28 -11.03 8.43
CA GLY B 112 -9.59 -11.66 7.18
C GLY B 112 -11.05 -11.44 6.83
N ASN B 113 -11.82 -12.51 6.74
CA ASN B 113 -13.23 -12.38 6.42
C ASN B 113 -14.14 -12.41 7.64
N THR B 114 -13.57 -12.33 8.85
CA THR B 114 -14.35 -12.23 10.06
C THR B 114 -14.08 -10.90 10.72
N ILE B 115 -15.13 -10.25 11.19
CA ILE B 115 -14.97 -9.10 12.05
C ILE B 115 -15.35 -9.55 13.45
N TYR B 116 -14.41 -9.40 14.37
CA TYR B 116 -14.66 -9.64 15.79
C TYR B 116 -15.05 -8.35 16.46
N LEU B 117 -16.04 -8.38 17.33
CA LEU B 117 -16.45 -7.21 18.09
C LEU B 117 -16.50 -7.60 19.54
N PHE B 118 -15.56 -7.11 20.33
CA PHE B 118 -15.64 -7.18 21.77
C PHE B 118 -16.49 -6.03 22.27
N LEU B 119 -17.13 -6.26 23.41
CA LEU B 119 -17.99 -5.25 24.01
C LEU B 119 -18.09 -5.52 25.49
N SER B 120 -18.44 -4.47 26.23
CA SER B 120 -18.69 -4.59 27.65
C SER B 120 -20.20 -4.62 27.91
N MET B 121 -20.56 -5.12 29.07
N MET B 121 -20.57 -5.13 29.07
CA MET B 121 -21.96 -5.21 29.45
CA MET B 121 -21.98 -5.21 29.45
C MET B 121 -22.09 -5.06 30.94
C MET B 121 -22.09 -5.06 30.94
N ASN B 122 -23.16 -4.44 31.39
CA ASN B 122 -23.53 -4.58 32.77
C ASN B 122 -25.03 -4.75 32.86
N ASP B 123 -25.45 -5.40 33.94
CA ASP B 123 -26.85 -5.50 34.27
C ASP B 123 -27.45 -4.10 34.38
N GLY B 124 -28.68 -3.97 33.92
CA GLY B 124 -29.38 -2.71 33.93
C GLY B 124 -29.61 -2.08 35.27
N ALA B 125 -29.50 -2.87 36.34
CA ALA B 125 -29.71 -2.31 37.68
C ALA B 125 -28.45 -1.77 38.32
N TYR B 126 -27.32 -1.78 37.61
CA TYR B 126 -26.03 -1.43 38.21
C TYR B 126 -25.35 -0.30 37.44
N SER B 127 -24.59 0.52 38.14
CA SER B 127 -23.77 1.52 37.49
C SER B 127 -22.41 1.58 38.17
N GLN B 128 -21.47 2.24 37.52
CA GLN B 128 -20.11 2.31 38.03
C GLN B 128 -20.08 2.82 39.45
N ASN B 129 -20.82 3.88 39.73
CA ASN B 129 -20.76 4.51 41.03
C ASN B 129 -21.86 4.03 41.96
N GLY B 130 -22.95 3.53 41.40
CA GLY B 130 -24.14 3.22 42.19
C GLY B 130 -24.90 4.49 42.55
N GLY B 131 -26.15 4.28 42.96
CA GLY B 131 -26.97 5.38 43.44
C GLY B 131 -27.52 6.29 42.37
N ASN B 132 -27.42 5.86 41.11
CA ASN B 132 -27.86 6.69 40.01
C ASN B 132 -29.31 6.42 39.69
N THR B 133 -30.03 7.47 39.32
CA THR B 133 -31.44 7.35 38.97
C THR B 133 -31.67 6.73 37.59
N LEU B 134 -32.62 5.82 37.57
CA LEU B 134 -33.05 5.14 36.37
C LEU B 134 -34.46 5.63 36.01
N PRO B 135 -34.94 5.32 34.81
CA PRO B 135 -36.18 5.87 34.33
C PRO B 135 -37.40 5.43 35.09
N ASP B 136 -37.34 4.31 35.80
CA ASP B 136 -38.48 3.84 36.58
C ASP B 136 -38.47 4.35 37.99
N GLY B 137 -37.56 5.27 38.29
CA GLY B 137 -37.53 5.88 39.61
C GLY B 137 -36.66 5.18 40.62
N THR B 138 -36.08 4.06 40.23
CA THR B 138 -35.18 3.39 41.13
C THR B 138 -33.76 3.93 40.96
N LYS B 139 -32.92 3.50 41.88
CA LYS B 139 -31.52 3.85 41.85
C LYS B 139 -30.66 2.61 41.62
N THR B 140 -29.60 2.78 40.86
CA THR B 140 -28.74 1.67 40.60
C THR B 140 -27.98 1.19 41.86
N LYS B 141 -27.57 -0.05 41.81
CA LYS B 141 -26.56 -0.57 42.72
C LYS B 141 -25.19 -0.32 42.12
N LYS B 142 -24.17 -0.30 42.95
CA LYS B 142 -22.83 -0.12 42.48
C LYS B 142 -22.28 -1.41 41.89
N ILE B 143 -21.65 -1.32 40.72
N ILE B 143 -21.64 -1.31 40.72
CA ILE B 143 -21.00 -2.45 40.12
CA ILE B 143 -21.00 -2.45 40.13
C ILE B 143 -20.05 -3.04 41.14
C ILE B 143 -20.04 -3.04 41.14
N ASP B 144 -20.11 -4.36 41.27
CA ASP B 144 -19.33 -5.09 42.26
C ASP B 144 -18.72 -6.33 41.64
N SER B 145 -18.02 -7.08 42.51
N SER B 145 -18.30 -7.34 42.43
CA SER B 145 -17.42 -8.33 41.98
CA SER B 145 -17.46 -8.36 41.96
C SER B 145 -18.32 -9.57 41.79
C SER B 145 -18.33 -9.62 41.80
N THR B 146 -19.62 -9.48 42.09
CA THR B 146 -20.54 -10.62 41.91
C THR B 146 -20.79 -10.87 40.42
N TRP B 147 -21.30 -12.06 40.12
CA TRP B 147 -21.54 -12.37 38.72
C TRP B 147 -22.58 -11.43 38.16
N VAL B 148 -23.67 -11.24 38.90
CA VAL B 148 -24.72 -10.34 38.39
C VAL B 148 -24.29 -8.87 38.35
N GLY B 149 -23.47 -8.46 39.30
CA GLY B 149 -23.14 -7.07 39.49
C GLY B 149 -21.86 -6.56 38.85
N ARG B 150 -21.03 -7.43 38.31
CA ARG B 150 -19.76 -7.01 37.71
C ARG B 150 -19.82 -6.83 36.20
N ARG B 151 -18.97 -5.96 35.68
CA ARG B 151 -18.93 -5.73 34.24
C ARG B 151 -18.49 -6.98 33.52
N HIS B 152 -19.25 -7.36 32.51
CA HIS B 152 -18.97 -8.51 31.68
C HIS B 152 -18.28 -8.12 30.36
N LEU B 153 -17.70 -9.11 29.71
CA LEU B 153 -17.03 -8.94 28.44
C LEU B 153 -17.65 -9.94 27.52
N TYR B 154 -18.19 -9.43 26.41
CA TYR B 154 -18.82 -10.26 25.42
C TYR B 154 -18.08 -10.16 24.08
N LEU B 155 -18.29 -11.18 23.25
CA LEU B 155 -17.72 -11.23 21.91
C LEU B 155 -18.80 -11.62 20.93
N THR B 156 -18.92 -10.88 19.85
CA THR B 156 -19.76 -11.26 18.74
C THR B 156 -18.90 -11.17 17.48
N THR B 157 -19.38 -11.82 16.43
CA THR B 157 -18.64 -11.91 15.19
C THR B 157 -19.56 -11.73 14.02
N SER B 158 -18.98 -11.29 12.90
CA SER B 158 -19.65 -11.26 11.65
C SER B 158 -18.76 -11.86 10.59
N THR B 159 -19.36 -12.72 9.79
CA THR B 159 -18.68 -13.31 8.65
C THR B 159 -19.32 -12.90 7.34
N ASP B 160 -20.20 -11.89 7.39
CA ASP B 160 -20.84 -11.39 6.19
C ASP B 160 -20.68 -9.89 6.10
N ASP B 161 -19.46 -9.45 6.36
CA ASP B 161 -19.09 -8.06 6.13
C ASP B 161 -19.93 -7.13 7.01
N GLY B 162 -20.21 -7.59 8.23
CA GLY B 162 -20.95 -6.74 9.14
C GLY B 162 -22.48 -6.77 8.99
N ASP B 163 -22.99 -7.51 8.02
CA ASP B 163 -24.43 -7.49 7.79
C ASP B 163 -25.18 -8.03 8.98
N THR B 164 -24.70 -9.15 9.53
CA THR B 164 -25.29 -9.76 10.69
C THR B 164 -24.22 -10.16 11.67
N TRP B 165 -24.65 -10.34 12.91
CA TRP B 165 -23.77 -10.59 14.03
C TRP B 165 -24.26 -11.80 14.80
N THR B 166 -23.33 -12.63 15.24
CA THR B 166 -23.71 -13.75 16.09
C THR B 166 -24.19 -13.30 17.44
N LYS B 167 -25.03 -14.11 18.07
CA LYS B 167 -25.46 -13.79 19.40
C LYS B 167 -24.19 -13.63 20.27
N PRO B 168 -24.09 -12.52 21.03
CA PRO B 168 -22.89 -12.31 21.79
C PRO B 168 -22.66 -13.40 22.81
N VAL B 169 -21.40 -13.81 22.93
CA VAL B 169 -20.99 -14.83 23.88
C VAL B 169 -20.27 -14.18 25.05
N ASP B 170 -20.65 -14.53 26.29
CA ASP B 170 -20.06 -13.95 27.48
C ASP B 170 -18.72 -14.65 27.68
N MET B 171 -17.66 -13.88 27.61
CA MET B 171 -16.32 -14.35 27.75
C MET B 171 -15.71 -13.97 29.10
N THR B 172 -16.49 -13.39 30.00
CA THR B 172 -15.97 -12.85 31.23
C THR B 172 -15.16 -13.84 32.04
N LYS B 173 -15.64 -15.08 32.10
CA LYS B 173 -14.97 -16.02 32.97
C LYS B 173 -13.55 -16.35 32.51
N THR B 174 -13.24 -16.21 31.22
CA THR B 174 -11.90 -16.52 30.73
C THR B 174 -11.11 -15.32 30.32
N LEU B 175 -11.76 -14.19 30.02
CA LEU B 175 -11.07 -13.05 29.48
C LEU B 175 -11.16 -11.81 30.36
N THR B 176 -11.70 -11.94 31.56
CA THR B 176 -11.62 -10.91 32.57
C THR B 176 -11.08 -11.53 33.81
N PRO B 177 -10.14 -10.87 34.51
CA PRO B 177 -9.63 -11.44 35.76
C PRO B 177 -10.72 -11.73 36.77
N ASP B 178 -10.56 -12.85 37.46
CA ASP B 178 -11.41 -13.16 38.57
C ASP B 178 -11.33 -12.05 39.62
N GLY B 179 -12.47 -11.82 40.23
CA GLY B 179 -12.60 -10.84 41.30
C GLY B 179 -12.80 -9.41 40.87
N GLN B 180 -12.70 -9.15 39.58
CA GLN B 180 -12.81 -7.78 39.11
C GLN B 180 -14.27 -7.33 39.12
N ALA B 181 -14.46 -6.04 39.37
CA ALA B 181 -15.82 -5.45 39.39
C ALA B 181 -16.00 -4.63 38.13
N TRP B 182 -15.57 -3.37 38.13
CA TRP B 182 -15.62 -2.59 36.91
C TRP B 182 -14.70 -3.19 35.87
N ASP B 183 -15.03 -2.98 34.61
CA ASP B 183 -14.19 -3.38 33.52
C ASP B 183 -14.53 -2.56 32.31
N ALA B 184 -13.62 -2.57 31.34
CA ALA B 184 -13.84 -1.96 30.05
C ALA B 184 -13.03 -2.72 29.04
N VAL B 185 -13.54 -2.83 27.83
CA VAL B 185 -12.75 -3.22 26.67
C VAL B 185 -12.69 -1.99 25.78
N GLY B 186 -11.52 -1.76 25.17
CA GLY B 186 -11.33 -0.56 24.38
C GLY B 186 -11.82 0.63 25.17
N PRO B 187 -12.68 1.48 24.59
CA PRO B 187 -13.38 1.27 23.35
C PRO B 187 -12.60 1.84 22.19
N GLY B 188 -12.88 1.31 20.99
CA GLY B 188 -12.30 1.87 19.77
C GLY B 188 -11.98 0.79 18.78
N ASN B 189 -10.86 0.10 19.01
CA ASN B 189 -10.47 -0.95 18.06
C ASN B 189 -9.37 -1.81 18.62
N GLY B 190 -9.30 -3.04 18.10
CA GLY B 190 -8.10 -3.84 18.20
C GLY B 190 -7.38 -3.91 16.89
N ILE B 191 -6.32 -4.72 16.86
CA ILE B 191 -5.45 -4.79 15.73
C ILE B 191 -5.09 -6.22 15.39
N LYS B 192 -4.62 -6.39 14.16
CA LYS B 192 -4.02 -7.63 13.72
C LYS B 192 -2.56 -7.37 13.49
N LEU B 193 -1.72 -8.19 14.13
CA LEU B 193 -0.29 -8.01 14.03
C LEU B 193 0.25 -8.53 12.71
N SER B 194 1.44 -8.08 12.34
N SER B 194 1.45 -8.09 12.33
CA SER B 194 2.11 -8.56 11.17
CA SER B 194 2.16 -8.68 11.18
C SER B 194 2.33 -10.10 11.24
C SER B 194 2.25 -10.17 11.23
N THR B 195 2.40 -10.68 12.44
CA THR B 195 2.55 -12.12 12.64
C THR B 195 1.19 -12.83 12.78
N GLY B 196 0.11 -12.07 12.66
CA GLY B 196 -1.22 -12.64 12.52
C GLY B 196 -2.08 -12.74 13.76
N GLU B 197 -1.51 -12.50 14.95
CA GLU B 197 -2.32 -12.48 16.16
C GLU B 197 -3.19 -11.24 16.19
N LEU B 198 -4.28 -11.36 16.94
CA LEU B 198 -5.16 -10.23 17.17
C LEU B 198 -4.88 -9.70 18.57
N VAL B 199 -4.89 -8.39 18.71
CA VAL B 199 -4.70 -7.78 20.04
C VAL B 199 -5.79 -6.77 20.27
N ILE B 200 -6.50 -6.96 21.39
CA ILE B 200 -7.60 -6.12 21.81
C ILE B 200 -7.21 -5.47 23.13
N PRO B 201 -7.26 -4.14 23.21
CA PRO B 201 -6.92 -3.49 24.48
C PRO B 201 -8.10 -3.54 25.43
N ALA B 202 -7.82 -3.74 26.70
CA ALA B 202 -8.86 -3.75 27.74
C ALA B 202 -8.29 -3.18 29.01
N GLN B 203 -9.14 -3.04 30.01
CA GLN B 203 -8.67 -2.51 31.26
C GLN B 203 -7.65 -3.42 31.89
N GLY B 204 -6.47 -2.89 32.19
CA GLY B 204 -5.46 -3.67 32.87
C GLY B 204 -4.86 -4.82 32.10
N ARG B 205 -5.12 -4.96 30.81
CA ARG B 205 -4.73 -6.18 30.11
C ARG B 205 -4.91 -6.00 28.63
N ASN B 206 -4.17 -6.78 27.86
CA ASN B 206 -4.55 -7.02 26.48
C ASN B 206 -5.26 -8.37 26.38
N ILE B 207 -6.07 -8.50 25.34
CA ILE B 207 -6.74 -9.77 25.04
C ILE B 207 -6.19 -10.20 23.70
N ILE B 208 -5.55 -11.37 23.68
CA ILE B 208 -4.78 -11.78 22.52
C ILE B 208 -5.55 -12.94 21.83
N GLY B 209 -5.82 -12.77 20.56
CA GLY B 209 -6.49 -13.80 19.78
C GLY B 209 -5.48 -14.52 18.92
N ARG B 210 -5.47 -15.84 19.04
CA ARG B 210 -4.56 -16.68 18.29
C ARG B 210 -5.32 -17.80 17.59
N GLY B 211 -4.82 -18.21 16.43
CA GLY B 211 -5.43 -19.25 15.64
C GLY B 211 -5.58 -18.81 14.20
N PRO B 212 -6.04 -19.73 13.35
CA PRO B 212 -6.37 -19.42 12.00
C PRO B 212 -7.30 -18.22 11.94
N SER B 213 -7.17 -17.47 10.87
CA SER B 213 -8.06 -16.35 10.63
C SER B 213 -9.52 -16.83 10.73
N GLY B 214 -10.33 -16.15 11.51
CA GLY B 214 -11.72 -16.50 11.65
C GLY B 214 -12.00 -17.65 12.60
N ASN B 215 -10.96 -18.24 13.19
CA ASN B 215 -11.20 -19.29 14.23
C ASN B 215 -10.21 -19.11 15.36
N ARG B 216 -10.44 -18.00 16.07
CA ARG B 216 -9.53 -17.60 17.09
C ARG B 216 -9.95 -18.10 18.46
N THR B 217 -8.93 -18.34 19.29
N THR B 217 -9.01 -18.34 19.35
CA THR B 217 -9.07 -18.61 20.73
CA THR B 217 -9.31 -18.38 20.72
C THR B 217 -8.34 -17.46 21.46
C THR B 217 -8.40 -17.42 21.44
N TRP B 218 -8.87 -16.93 22.57
CA TRP B 218 -8.38 -15.71 23.19
C TRP B 218 -7.81 -15.98 24.57
N SER B 219 -6.81 -15.19 24.94
CA SER B 219 -6.22 -15.26 26.26
C SER B 219 -5.94 -13.84 26.74
N MET B 220 -5.69 -13.72 28.03
CA MET B 220 -5.33 -12.42 28.61
C MET B 220 -3.83 -12.24 28.75
N GLN B 221 -3.37 -11.06 28.46
CA GLN B 221 -2.03 -10.61 28.75
C GLN B 221 -2.20 -9.55 29.84
N ILE B 222 -1.97 -9.95 31.10
CA ILE B 222 -2.16 -9.01 32.19
C ILE B 222 -1.05 -7.97 32.22
N LEU B 223 -1.43 -6.73 32.38
N LEU B 223 -1.37 -6.69 32.33
CA LEU B 223 -0.47 -5.64 32.37
CA LEU B 223 -0.42 -5.60 32.27
C LEU B 223 -0.41 -5.03 33.73
C LEU B 223 -0.40 -4.68 33.48
N LYS B 224 0.77 -4.53 34.07
CA LYS B 224 0.94 -3.72 35.25
C LYS B 224 0.90 -2.27 34.86
N GLY B 225 0.04 -1.52 35.52
CA GLY B 225 -0.06 -0.08 35.33
C GLY B 225 -0.84 0.42 34.13
N ALA B 226 -1.54 -0.47 33.44
CA ALA B 226 -2.34 -0.06 32.30
C ALA B 226 -3.60 0.64 32.76
N GLY B 227 -4.13 1.46 31.87
CA GLY B 227 -5.38 2.11 32.14
C GLY B 227 -6.58 1.25 31.93
N SER B 228 -7.73 1.89 32.09
CA SER B 228 -9.03 1.28 31.84
C SER B 228 -9.39 1.29 30.39
N GLU B 229 -9.23 2.46 29.76
CA GLU B 229 -9.52 2.63 28.35
C GLU B 229 -8.23 2.77 27.59
N GLY B 230 -7.81 1.66 26.96
CA GLY B 230 -6.55 1.62 26.26
C GLY B 230 -6.69 1.64 24.78
N THR B 231 -5.59 2.02 24.13
CA THR B 231 -5.42 1.83 22.73
C THR B 231 -4.22 0.93 22.51
N ILE B 232 -4.24 0.20 21.40
CA ILE B 232 -3.15 -0.68 21.01
C ILE B 232 -2.75 -0.37 19.60
N CYS B 233 -1.45 -0.47 19.34
CA CYS B 233 -0.95 -0.46 17.96
C CYS B 233 0.31 -1.24 17.91
N GLN B 234 0.62 -1.70 16.72
CA GLN B 234 1.93 -2.28 16.42
C GLN B 234 2.69 -1.20 15.67
N THR B 235 3.71 -0.65 16.31
CA THR B 235 4.47 0.44 15.74
C THR B 235 5.37 -0.10 14.64
N PRO B 236 5.98 0.79 13.85
CA PRO B 236 6.71 0.30 12.66
C PRO B 236 7.85 -0.64 12.98
N ASP B 237 8.42 -0.54 14.18
CA ASP B 237 9.44 -1.47 14.63
C ASP B 237 8.91 -2.85 14.94
N GLY B 238 7.61 -3.06 14.83
CA GLY B 238 7.05 -4.37 15.09
C GLY B 238 6.64 -4.58 16.55
N LYS B 239 6.97 -3.65 17.41
CA LYS B 239 6.61 -3.75 18.81
C LYS B 239 5.18 -3.32 19.05
N LEU B 240 4.65 -3.76 20.20
CA LEU B 240 3.34 -3.32 20.66
C LEU B 240 3.47 -2.05 21.43
N MET B 241 2.42 -1.24 21.38
CA MET B 241 2.34 -0.03 22.19
C MET B 241 0.93 0.09 22.73
N ARG B 242 0.83 0.31 24.04
CA ARG B 242 -0.41 0.75 24.67
C ARG B 242 -0.33 2.24 24.90
N ASN B 243 -1.37 2.96 24.49
CA ASN B 243 -1.43 4.37 24.73
C ASN B 243 -2.79 4.61 25.36
N ASP B 244 -2.77 4.89 26.68
CA ASP B 244 -4.03 4.72 27.41
C ASP B 244 -4.48 6.05 27.99
N ARG B 245 -5.77 6.11 28.23
CA ARG B 245 -6.38 7.19 28.97
C ARG B 245 -5.82 7.17 30.39
N PRO B 246 -5.39 8.30 30.90
CA PRO B 246 -4.90 8.34 32.26
C PRO B 246 -6.04 8.36 33.26
N GLY B 247 -5.74 8.01 34.53
CA GLY B 247 -6.71 8.17 35.57
C GLY B 247 -6.93 9.66 35.83
N PRO B 248 -5.90 10.36 36.32
CA PRO B 248 -6.06 11.79 36.52
C PRO B 248 -5.92 12.54 35.20
N MET B 249 -6.54 13.71 35.08
N MET B 249 -6.55 13.70 35.09
CA MET B 249 -6.35 14.51 33.90
CA MET B 249 -6.36 14.53 33.90
C MET B 249 -4.88 14.87 33.79
C MET B 249 -4.88 14.87 33.79
N GLY B 250 -4.39 14.97 32.56
CA GLY B 250 -3.04 15.39 32.35
C GLY B 250 -2.51 15.00 31.00
N HIS B 251 -2.09 13.75 30.91
CA HIS B 251 -1.36 13.24 29.74
C HIS B 251 -1.62 11.77 29.53
N ARG B 252 -1.50 11.33 28.27
CA ARG B 252 -1.60 9.90 27.98
C ARG B 252 -0.61 9.05 28.72
N SER B 253 -0.92 7.80 28.94
CA SER B 253 -0.02 6.91 29.60
C SER B 253 0.39 5.83 28.65
N VAL B 254 1.68 5.61 28.44
CA VAL B 254 2.17 4.83 27.33
C VAL B 254 3.13 3.75 27.79
N ALA B 255 2.98 2.56 27.19
CA ALA B 255 3.94 1.48 27.43
C ALA B 255 4.20 0.78 26.12
N ARG B 256 5.34 0.13 26.04
CA ARG B 256 5.76 -0.61 24.85
C ARG B 256 6.26 -1.99 25.20
N GLY B 257 6.19 -2.90 24.26
CA GLY B 257 6.72 -4.23 24.45
C GLY B 257 6.29 -5.16 23.35
N THR B 258 6.02 -6.41 23.70
CA THR B 258 5.71 -7.43 22.74
C THR B 258 4.66 -8.32 23.36
N LEU B 259 4.30 -9.38 22.65
CA LEU B 259 3.38 -10.36 23.21
C LEU B 259 3.95 -11.03 24.47
N ALA B 260 5.26 -10.93 24.70
CA ALA B 260 5.86 -11.57 25.88
C ALA B 260 5.74 -10.66 27.09
N GLY B 261 5.29 -9.42 26.90
CA GLY B 261 5.16 -8.50 27.99
C GLY B 261 5.42 -7.07 27.58
N LEU B 262 4.81 -6.15 28.32
CA LEU B 262 5.08 -4.74 28.13
C LEU B 262 5.90 -4.19 29.29
N GLY B 263 6.68 -3.15 28.98
CA GLY B 263 7.46 -2.42 29.97
C GLY B 263 6.53 -1.50 30.75
N PRO B 264 7.15 -0.61 31.53
CA PRO B 264 6.33 0.24 32.39
C PRO B 264 5.53 1.23 31.62
N PHE B 265 4.35 1.56 32.15
CA PHE B 265 3.60 2.69 31.67
C PHE B 265 4.18 3.98 32.21
N ALA B 266 4.30 5.01 31.38
CA ALA B 266 4.73 6.31 31.82
C ALA B 266 3.94 7.40 31.19
N THR B 267 3.83 8.50 31.90
CA THR B 267 3.19 9.69 31.40
C THR B 267 3.97 10.21 30.20
N ASP B 268 3.28 10.43 29.11
CA ASP B 268 3.85 10.97 27.88
C ASP B 268 3.54 12.45 27.83
N ASN B 269 4.51 13.27 28.20
CA ASN B 269 4.23 14.69 28.34
C ASN B 269 4.04 15.38 26.98
N GLY B 270 4.29 14.65 25.90
CA GLY B 270 4.02 15.15 24.57
C GLY B 270 2.54 15.05 24.20
N LEU B 271 1.73 14.33 24.99
CA LEU B 271 0.35 14.05 24.59
C LEU B 271 -0.57 14.41 25.73
N PRO B 272 -0.87 15.69 25.89
CA PRO B 272 -1.85 16.08 26.89
C PRO B 272 -3.19 15.44 26.61
N ASP B 273 -3.93 15.18 27.70
CA ASP B 273 -5.19 14.47 27.62
C ASP B 273 -5.96 14.83 28.86
N PRO B 274 -7.28 15.02 28.74
CA PRO B 274 -8.09 15.46 29.89
C PRO B 274 -8.72 14.30 30.66
N ALA B 275 -8.12 13.12 30.57
CA ALA B 275 -8.73 11.86 31.06
C ALA B 275 -9.94 11.54 30.21
N CYS B 276 -9.65 11.22 28.96
CA CYS B 276 -10.66 10.85 27.99
C CYS B 276 -10.07 9.77 27.10
N GLN B 277 -10.92 9.00 26.46
CA GLN B 277 -10.47 8.03 25.49
C GLN B 277 -9.79 8.75 24.32
N GLY B 278 -8.84 8.04 23.71
CA GLY B 278 -8.21 8.46 22.47
C GLY B 278 -8.21 7.32 21.48
N SER B 279 -7.63 7.58 20.32
CA SER B 279 -7.54 6.58 19.29
C SER B 279 -6.22 6.65 18.58
N ILE B 280 -5.78 5.50 18.05
CA ILE B 280 -4.49 5.43 17.41
C ILE B 280 -4.62 4.49 16.21
N LEU B 281 -3.79 4.72 15.20
CA LEU B 281 -3.92 3.97 13.97
C LEU B 281 -2.58 3.83 13.30
N SER B 282 -2.16 2.61 13.03
CA SER B 282 -1.01 2.39 12.13
C SER B 282 -1.49 2.64 10.71
N TYR B 283 -0.90 3.63 10.08
CA TYR B 283 -1.46 4.07 8.79
C TYR B 283 -0.87 3.32 7.62
N ASN B 284 0.42 3.14 7.65
CA ASN B 284 1.07 2.53 6.52
C ASN B 284 2.41 2.02 6.96
N SER B 285 2.86 1.00 6.21
CA SER B 285 4.11 0.30 6.47
C SER B 285 5.22 0.74 5.54
N ASP B 286 4.86 1.17 4.33
CA ASP B 286 5.86 1.62 3.35
C ASP B 286 6.47 2.97 3.75
N GLU B 287 7.47 3.46 3.01
CA GLU B 287 8.23 4.64 3.41
C GLU B 287 7.43 5.92 3.14
N PRO B 288 7.38 6.87 4.06
CA PRO B 288 7.73 6.69 5.49
C PRO B 288 6.57 6.11 6.30
N ALA B 289 6.85 5.15 7.19
CA ALA B 289 5.79 4.56 8.02
C ALA B 289 5.24 5.60 8.98
N ARG B 290 3.94 5.56 9.21
CA ARG B 290 3.25 6.58 10.03
C ARG B 290 2.31 5.94 11.00
N THR B 291 2.26 6.54 12.18
CA THR B 291 1.24 6.24 13.17
C THR B 291 0.40 7.52 13.34
N ILE B 292 -0.92 7.38 13.43
CA ILE B 292 -1.81 8.51 13.59
C ILE B 292 -2.38 8.42 14.98
N PHE B 293 -2.53 9.55 15.67
CA PHE B 293 -3.10 9.58 17.00
C PHE B 293 -4.13 10.68 17.06
N MET B 294 -5.23 10.43 17.76
CA MET B 294 -6.28 11.43 17.94
C MET B 294 -6.74 11.42 19.37
N ASN B 295 -6.85 12.62 19.94
CA ASN B 295 -7.42 12.76 21.25
C ASN B 295 -7.77 14.24 21.43
N SER B 296 -8.24 14.59 22.63
CA SER B 296 -8.36 16.02 22.94
C SER B 296 -7.05 16.46 23.54
N ALA B 297 -6.33 17.33 22.84
CA ALA B 297 -5.00 17.72 23.24
C ALA B 297 -5.05 18.83 24.30
N SER B 298 -5.61 18.51 25.46
CA SER B 298 -5.74 19.48 26.53
C SER B 298 -5.81 18.76 27.86
N THR B 299 -5.12 19.29 28.85
CA THR B 299 -5.11 18.66 30.15
C THR B 299 -6.47 18.80 30.85
N ASP B 300 -7.39 19.62 30.33
CA ASP B 300 -8.65 19.82 31.08
C ASP B 300 -9.95 19.77 30.32
N ARG B 301 -9.94 19.80 29.00
CA ARG B 301 -11.21 19.80 28.24
C ARG B 301 -11.17 18.82 27.12
N ARG B 302 -12.34 18.36 26.68
CA ARG B 302 -12.44 17.40 25.58
C ARG B 302 -12.81 18.06 24.25
N THR B 303 -12.73 19.39 24.21
CA THR B 303 -13.04 20.14 23.02
C THR B 303 -11.80 20.64 22.31
N ALA B 304 -10.68 19.98 22.47
CA ALA B 304 -9.44 20.35 21.81
C ALA B 304 -8.96 19.24 20.92
N MET B 305 -9.85 18.68 20.12
CA MET B 305 -9.46 17.51 19.32
C MET B 305 -8.32 17.83 18.38
N ARG B 306 -7.39 16.92 18.32
CA ARG B 306 -6.19 17.06 17.58
C ARG B 306 -5.83 15.72 16.97
N VAL B 307 -5.48 15.73 15.69
CA VAL B 307 -4.93 14.54 15.06
C VAL B 307 -3.48 14.77 14.68
N ARG B 308 -2.67 13.77 14.91
CA ARG B 308 -1.20 13.88 14.81
C ARG B 308 -0.63 12.70 14.09
N ILE B 309 0.57 12.89 13.58
CA ILE B 309 1.35 11.82 12.99
C ILE B 309 2.65 11.64 13.73
N SER B 310 3.04 10.39 13.91
CA SER B 310 4.40 10.07 14.28
C SER B 310 5.07 9.30 13.20
N TYR B 311 6.32 9.68 12.94
CA TYR B 311 7.17 8.99 11.98
C TYR B 311 8.16 8.06 12.66
N ASP B 312 8.16 8.05 14.00
CA ASP B 312 9.15 7.28 14.73
C ASP B 312 8.80 5.80 14.68
N LYS B 313 9.82 4.96 14.65
CA LYS B 313 9.55 3.53 14.59
C LYS B 313 8.94 3.01 15.87
N ASP B 314 9.11 3.74 16.97
CA ASP B 314 8.50 3.41 18.26
C ASP B 314 7.40 4.38 18.62
N ALA B 315 7.02 5.24 17.66
CA ALA B 315 6.01 6.30 17.91
C ALA B 315 6.36 7.12 19.17
N ALA B 316 7.66 7.41 19.37
CA ALA B 316 8.02 8.17 20.57
C ALA B 316 7.47 9.59 20.54
N LYS B 317 7.49 10.20 19.35
CA LYS B 317 7.12 11.60 19.22
C LYS B 317 6.07 11.77 18.14
N PHE B 318 5.07 12.58 18.44
CA PHE B 318 4.09 12.99 17.48
C PHE B 318 4.25 14.45 17.18
N ASN B 319 3.84 14.84 15.97
CA ASN B 319 3.86 16.25 15.59
C ASN B 319 2.71 17.00 16.25
N PHE B 320 2.68 18.32 16.04
CA PHE B 320 1.57 19.12 16.52
C PHE B 320 0.28 18.63 15.84
N GLY B 321 0.39 18.40 14.53
CA GLY B 321 -0.71 17.87 13.78
C GLY B 321 -1.72 18.95 13.43
N ARG B 322 -3.00 18.63 13.56
CA ARG B 322 -4.07 19.50 13.09
C ARG B 322 -5.19 19.47 14.13
N GLU B 323 -5.58 20.67 14.50
CA GLU B 323 -6.77 20.86 15.32
C GLU B 323 -8.01 20.65 14.46
N LEU B 324 -8.91 19.78 14.91
CA LEU B 324 -10.10 19.49 14.11
C LEU B 324 -10.98 20.70 13.96
N LYS B 325 -10.93 21.64 14.90
CA LYS B 325 -11.73 22.83 14.81
C LYS B 325 -11.40 23.68 13.59
N ASP B 326 -10.27 23.42 12.96
CA ASP B 326 -9.97 24.11 11.70
C ASP B 326 -11.00 23.80 10.61
N ALA B 327 -11.63 22.62 10.68
CA ALA B 327 -12.71 22.24 9.77
C ALA B 327 -13.93 21.95 10.61
N PRO B 328 -14.54 22.99 11.16
CA PRO B 328 -15.58 22.78 12.15
C PRO B 328 -16.91 22.45 11.49
N LEU B 329 -17.84 21.98 12.31
CA LEU B 329 -19.22 21.71 11.90
C LEU B 329 -20.09 22.64 12.77
N GLY B 330 -21.16 23.22 12.21
CA GLY B 330 -22.01 24.17 13.01
C GLY B 330 -23.37 23.70 13.58
N ASN B 331 -23.75 22.49 13.22
CA ASN B 331 -25.10 21.93 13.57
C ASN B 331 -25.00 20.58 14.25
N VAL B 332 -23.95 20.40 15.06
CA VAL B 332 -23.71 19.14 15.78
C VAL B 332 -23.34 19.32 17.24
N GLY B 333 -23.50 20.52 17.78
CA GLY B 333 -23.03 20.77 19.14
C GLY B 333 -21.54 21.04 19.18
N ASN B 334 -20.98 20.85 20.35
CA ASN B 334 -19.60 21.17 20.60
C ASN B 334 -18.76 19.90 20.43
N GLU B 335 -17.96 19.86 19.38
CA GLU B 335 -17.22 18.65 19.07
C GLU B 335 -16.14 18.38 20.09
N GLY B 336 -16.00 17.12 20.44
CA GLY B 336 -14.89 16.69 21.23
C GLY B 336 -15.28 15.57 22.17
N GLY B 337 -14.40 14.60 22.28
CA GLY B 337 -14.60 13.48 23.17
C GLY B 337 -13.91 12.26 22.64
N TYR B 338 -14.56 11.11 22.80
CA TYR B 338 -14.00 9.86 22.31
C TYR B 338 -13.94 9.89 20.78
N SER B 339 -13.03 9.10 20.25
CA SER B 339 -12.79 9.04 18.82
C SER B 339 -12.39 7.65 18.39
N SER B 340 -12.48 7.41 17.09
CA SER B 340 -12.00 6.16 16.52
C SER B 340 -11.62 6.41 15.09
N MET B 341 -10.51 5.81 14.66
CA MET B 341 -10.02 6.03 13.31
C MET B 341 -9.82 4.73 12.54
N THR B 342 -9.98 4.83 11.24
CA THR B 342 -9.65 3.78 10.30
C THR B 342 -9.04 4.42 9.05
N LYS B 343 -8.33 3.60 8.28
CA LYS B 343 -7.93 4.00 6.94
C LYS B 343 -9.10 3.64 6.01
N THR B 344 -9.35 4.44 5.01
CA THR B 344 -10.29 4.11 3.97
C THR B 344 -9.54 3.65 2.73
N SER B 345 -10.26 3.03 1.80
CA SER B 345 -9.58 2.51 0.60
C SER B 345 -9.01 3.63 -0.26
N ASP B 346 -9.67 4.79 -0.24
CA ASP B 346 -9.26 5.94 -1.01
C ASP B 346 -8.25 6.84 -0.27
N TYR B 347 -7.37 6.21 0.50
CA TYR B 347 -6.21 6.87 1.08
C TYR B 347 -6.61 8.07 1.93
N LYS B 348 -7.62 7.86 2.75
CA LYS B 348 -7.98 8.84 3.72
C LYS B 348 -7.99 8.18 5.07
N ILE B 349 -8.01 9.01 6.10
CA ILE B 349 -8.33 8.61 7.45
C ILE B 349 -9.77 8.97 7.68
N GLY B 350 -10.54 7.99 8.16
CA GLY B 350 -11.88 8.20 8.62
C GLY B 350 -11.93 8.17 10.11
N ALA B 351 -12.56 9.17 10.72
CA ALA B 351 -12.58 9.28 12.16
C ALA B 351 -14.00 9.56 12.60
N LEU B 352 -14.44 8.79 13.58
CA LEU B 352 -15.63 9.14 14.33
C LEU B 352 -15.20 9.98 15.52
N VAL B 353 -15.95 11.04 15.81
CA VAL B 353 -15.66 11.93 16.93
C VAL B 353 -16.95 12.28 17.62
N GLU B 354 -16.94 12.14 18.94
CA GLU B 354 -18.07 12.57 19.74
C GLU B 354 -18.27 14.08 19.69
N SER B 355 -19.54 14.48 19.86
CA SER B 355 -19.93 15.87 19.98
C SER B 355 -21.05 15.98 20.95
N ASP B 356 -21.09 17.10 21.67
CA ASP B 356 -22.00 17.29 22.80
C ASP B 356 -22.80 18.57 22.62
N TRP B 357 -24.11 18.47 22.52
CA TRP B 357 -24.94 19.64 22.39
C TRP B 357 -24.93 20.48 23.67
N TYR B 358 -24.69 19.84 24.79
CA TYR B 358 -24.40 20.57 26.03
C TYR B 358 -25.59 21.35 26.56
N GLU B 359 -26.81 20.97 26.21
CA GLU B 359 -27.93 21.87 26.52
C GLU B 359 -28.22 21.95 28.03
N ASP B 360 -27.83 20.88 28.75
CA ASP B 360 -28.00 20.73 30.20
C ASP B 360 -26.59 20.74 30.76
N LYS B 361 -25.66 21.40 30.06
CA LYS B 361 -24.25 21.43 30.46
C LYS B 361 -23.76 19.98 30.62
N GLY B 362 -23.15 19.66 31.75
CA GLY B 362 -22.70 18.32 32.01
C GLY B 362 -23.80 17.41 32.51
N GLY B 363 -25.05 17.87 32.59
CA GLY B 363 -26.06 16.97 33.10
C GLY B 363 -26.47 15.91 32.08
N GLU B 364 -27.28 14.98 32.58
CA GLU B 364 -27.62 13.80 31.82
C GLU B 364 -28.51 14.06 30.63
N LYS B 365 -29.12 15.23 30.58
CA LYS B 365 -30.06 15.52 29.50
C LYS B 365 -29.39 16.08 28.23
N SER B 366 -28.10 16.37 28.29
N SER B 366 -28.10 16.38 28.30
CA SER B 366 -27.41 16.93 27.14
CA SER B 366 -27.40 16.93 27.16
C SER B 366 -27.27 15.86 26.07
C SER B 366 -27.27 15.87 26.08
N HIS B 367 -27.73 16.18 24.87
CA HIS B 367 -27.69 15.22 23.81
C HIS B 367 -26.31 15.11 23.21
N ARG B 368 -25.91 13.88 22.91
CA ARG B 368 -24.62 13.57 22.32
C ARG B 368 -24.80 12.96 20.95
N CYS B 369 -23.96 13.38 20.01
CA CYS B 369 -24.00 12.82 18.66
C CYS B 369 -22.59 12.48 18.23
N ILE B 370 -22.45 11.86 17.06
CA ILE B 370 -21.13 11.43 16.61
C ILE B 370 -20.94 11.87 15.16
N ILE B 371 -19.81 12.56 14.95
CA ILE B 371 -19.39 13.09 13.66
C ILE B 371 -18.53 12.06 12.94
N TRP B 372 -18.69 11.99 11.64
CA TRP B 372 -17.78 11.27 10.75
C TRP B 372 -16.98 12.25 9.95
N ARG B 373 -15.67 12.19 10.17
CA ARG B 373 -14.69 12.99 9.44
C ARG B 373 -13.90 12.10 8.53
N ARG B 374 -13.54 12.63 7.36
CA ARG B 374 -12.51 12.01 6.55
C ARG B 374 -11.53 13.11 6.21
N PHE B 375 -10.26 12.74 6.15
CA PHE B 375 -9.24 13.70 5.76
C PHE B 375 -8.05 12.93 5.26
N ASN B 376 -7.24 13.58 4.42
CA ASN B 376 -6.02 12.94 3.98
C ASN B 376 -4.83 13.37 4.85
N LEU B 377 -3.71 12.70 4.65
CA LEU B 377 -2.49 13.04 5.40
C LEU B 377 -2.16 14.50 5.13
N SER B 378 -2.32 15.00 3.92
CA SER B 378 -1.97 16.39 3.67
C SER B 378 -2.71 17.39 4.56
N TRP B 379 -3.98 17.14 4.85
CA TRP B 379 -4.71 17.99 5.73
C TRP B 379 -4.03 18.04 7.08
N ILE B 380 -3.51 16.92 7.55
CA ILE B 380 -2.83 16.93 8.84
C ILE B 380 -1.51 17.67 8.74
N ILE B 381 -0.71 17.29 7.76
CA ILE B 381 0.66 17.76 7.65
C ILE B 381 0.72 19.28 7.48
N ASN B 382 -0.24 19.74 6.67
CA ASN B 382 -0.30 21.16 6.40
C ASN B 382 -1.07 21.98 7.40
N GLY B 383 -1.40 21.51 8.56
CA GLY B 383 -1.97 22.34 9.57
C GLY B 383 -1.14 23.56 9.87
N PRO B 384 -1.81 24.67 10.20
CA PRO B 384 -1.08 25.97 10.35
C PRO B 384 -0.09 25.94 11.49
N ASN B 385 -0.28 25.06 12.47
CA ASN B 385 0.67 25.04 13.58
C ASN B 385 1.58 23.82 13.51
N ASN B 386 1.49 23.08 12.42
CA ASN B 386 2.32 21.91 12.26
C ASN B 386 3.64 22.18 11.55
C2 KDM C . 19.43 -9.19 -28.44
C1 KDM C . 18.36 -10.25 -28.48
C3 KDM C . 18.80 -7.80 -28.41
C4 KDM C . 19.71 -6.75 -27.74
C5 KDM C . 21.18 -7.14 -27.68
C6 KDM C . 21.26 -8.46 -26.88
C7 KDM C . 22.61 -9.17 -26.94
C8 KDM C . 22.69 -10.44 -26.13
C9 KDM C . 24.03 -11.12 -26.24
O5 KDM C . 21.95 -6.10 -27.04
O1A KDM C . 17.21 -9.92 -28.77
O1B KDM C . 18.70 -11.39 -28.18
O4 KDM C . 19.56 -5.50 -28.40
O6 KDM C . 20.28 -9.44 -27.32
O7 KDM C . 22.91 -9.52 -28.30
O8 KDM C . 22.43 -10.14 -24.77
O9 KDM C . 25.06 -10.25 -25.77
O2 KDM C . 20.22 -9.40 -29.57
C1 GOL D . 18.71 -10.01 -34.26
O1 GOL D . 20.13 -9.94 -34.08
C2 GOL D . 18.06 -8.84 -33.58
O2 GOL D . 18.31 -8.90 -32.19
C3 GOL D . 16.55 -8.88 -33.83
O3 GOL D . 15.96 -7.70 -33.32
C2 KDM E . -16.88 7.77 30.54
C1 KDM E . -16.38 9.13 30.15
C3 KDM E . -17.68 7.14 29.41
C4 KDM E . -17.66 5.61 29.45
C5 KDM E . -17.29 5.02 30.80
C6 KDM E . -15.89 5.54 31.15
C7 KDM E . -15.44 5.30 32.60
C8 KDM E . -14.05 5.79 32.90
C9 KDM E . -13.65 5.54 34.34
O5 KDM E . -17.31 3.58 30.75
O1A KDM E . -15.45 9.61 30.81
O1B KDM E . -16.88 9.67 29.16
O4 KDM E . -18.92 5.11 29.03
O6 KDM E . -15.74 6.97 30.93
O7 KDM E . -16.34 5.96 33.49
O8 KDM E . -13.11 5.14 32.06
O9 KDM E . -13.71 4.15 34.63
O2 KDM E . -17.63 7.96 31.68
C1 GOL F . -21.23 11.29 32.47
O1 GOL F . -21.03 10.36 33.54
C2 GOL F . -21.38 10.54 31.17
O2 GOL F . -20.18 9.84 30.88
C3 GOL F . -21.65 11.53 30.04
O3 GOL F . -21.95 10.83 28.86
#